data_8ULJ
#
_entry.id   8ULJ
#
_cell.length_a   164.715
_cell.length_b   164.715
_cell.length_c   146.157
_cell.angle_alpha   90.00
_cell.angle_beta   90.00
_cell.angle_gamma   120.00
#
_symmetry.space_group_name_H-M   'P 3 2 1'
#
loop_
_entity.id
_entity.type
_entity.pdbx_description
1 polymer 'Fusion glycoprotein F2'
2 polymer '2E08 Fab Light Chain'
3 polymer '2E08 Fab Heavy Chain'
4 polymer 'Fusion glycoprotein F0,Fibritin'
#
loop_
_entity_poly.entity_id
_entity_poly.type
_entity_poly.pdbx_seq_one_letter_code
_entity_poly.pdbx_strand_id
1 'polypeptide(L)' QNITEEFYQSTCSAVSKGYLSALRTGWYTSVITIELSNIKENKCNGTDAKVKLIKQELDKYKNAVTELQLLMQSTPATN A
2 'polypeptide(L)'
;EIVTQSPGTLSLSPGERATLSCRASQNVGSNLLAWYQQKPGQAPRLLIYGASNRATGIPDRFSGSGSGTDFTLTISRLEP
EDFVVYHCQQYGSSPRTFGQGTKVEIRRTVAAPSVFIFPPSDEQLKSGTASVVCLLNNFYPREAKVQWKVDNALQSGNSQ
ESVTEQDSKDSTYSLSSTLTLSKADYEKHKVYACEVTHQGLSSPVTKSFNRGEC
;
L
3 'polypeptide(L)'
;QVQLVESGAEAKKPGSSVKVSCKISGGTLNDYPIRWVRQAPGQGLEWMGGIIPILGTSYETQKFQGRLTLTADELTSTVY
MELRYLTSEDAAVYFCATMTSPVFIDALDVWGQGTRVTVSSASTKGPSVFPLAPSSKSTSGGTAALGCLVKDYFPEPVTV
SWNSGALTSGVHTFPAVLQSSGLYSLSSVVTVPSSSLGTQTYICNVNHKPSNTKVDKRVEPKSCDKGSENLYFQGSHHHH
HH
;
H
4 'polypeptide(L)'
;FLGFLLGVGSAIASGVAVCKVLHLEGEVNKIKSALLSTNKAVVSLSNGVSVLTFKVLDLKNYIDKQLLPILNKQSCSISN
IETVIEFQQKNNRLLEITREFSVNAGVTTPVSTYMLTNSELLSLINDMPITNDQKKLMSNNVQIVRQQSYSIMCIIKEEV
LAYVVQLPLYGVIDTPCWKLHTSPLCTTNTKEGSNICLTRTDRGWYCDNAGSVSFFPQAETCKVQSNRVFCDTMNSLTLP
SEVNLCNVDIFNPKYDCKIMTSKTDVSSSVITSLGAIVSCYGKTKCTASNKNRGIIKTFSNGCDYVSNKGVDTVSVGNTL
YYVNKQEGKSLYVKGEPIINFYDPLVFPSDEFDASISQVNEKINQSLAFIRKSDELLSAIGGYIPEAPRDGQAYVRKDGE
WVLLSTFLGGLVPR
;
B
#
# COMPACT_ATOMS: atom_id res chain seq x y z
N ASN A 2 -11.88 18.44 31.42
CA ASN A 2 -11.27 18.81 30.14
C ASN A 2 -10.41 20.06 30.25
N ILE A 3 -10.92 21.18 29.74
CA ILE A 3 -10.14 22.41 29.64
C ILE A 3 -10.35 23.26 30.88
N THR A 4 -9.25 23.69 31.50
CA THR A 4 -9.28 24.57 32.65
C THR A 4 -8.39 25.79 32.38
N GLU A 5 -8.72 26.90 33.03
CA GLU A 5 -8.04 28.16 32.79
C GLU A 5 -7.78 28.88 34.11
N GLU A 6 -6.59 29.46 34.24
CA GLU A 6 -6.20 30.22 35.43
C GLU A 6 -5.70 31.59 35.01
N PHE A 7 -6.17 32.63 35.71
CA PHE A 7 -5.77 34.00 35.43
C PHE A 7 -4.89 34.51 36.55
N TYR A 8 -3.72 35.03 36.20
CA TYR A 8 -2.77 35.57 37.17
C TYR A 8 -2.88 37.09 37.15
N GLN A 9 -3.45 37.65 38.22
CA GLN A 9 -3.66 39.09 38.29
C GLN A 9 -2.34 39.85 38.38
N SER A 10 -1.32 39.25 38.99
CA SER A 10 -0.05 39.94 39.17
C SER A 10 0.60 40.28 37.83
N THR A 11 0.60 39.33 36.90
CA THR A 11 1.27 39.51 35.62
C THR A 11 0.31 39.78 34.46
N CYS A 12 -0.99 39.88 34.73
CA CYS A 12 -2.01 40.16 33.70
C CYS A 12 -1.94 39.13 32.57
N SER A 13 -1.94 37.85 32.95
CA SER A 13 -1.80 36.76 32.00
C SER A 13 -2.73 35.63 32.38
N ALA A 14 -2.98 34.73 31.42
CA ALA A 14 -3.85 33.58 31.65
C ALA A 14 -3.27 32.36 30.95
N VAL A 15 -3.49 31.20 31.55
CA VAL A 15 -3.03 29.92 31.02
C VAL A 15 -4.22 28.98 30.91
N SER A 16 -4.42 28.40 29.73
CA SER A 16 -5.49 27.44 29.47
C SER A 16 -4.87 26.05 29.33
N LYS A 17 -5.12 25.17 30.30
CA LYS A 17 -4.56 23.84 30.29
C LYS A 17 -5.62 22.82 29.88
N GLY A 18 -5.16 21.58 29.67
CA GLY A 18 -6.04 20.48 29.35
C GLY A 18 -6.07 20.05 27.90
N TYR A 19 -5.17 20.56 27.07
CA TYR A 19 -5.16 20.20 25.66
C TYR A 19 -4.19 19.06 25.39
N LEU A 20 -4.42 18.37 24.27
CA LEU A 20 -3.58 17.25 23.85
C LEU A 20 -2.86 17.60 22.56
N SER A 21 -1.66 17.05 22.42
CA SER A 21 -0.75 17.46 21.36
C SER A 21 -0.88 16.60 20.11
N ALA A 22 -0.62 17.23 18.97
CA ALA A 22 -0.38 16.51 17.72
C ALA A 22 0.61 17.37 16.93
N LEU A 23 1.89 17.04 17.05
CA LEU A 23 2.95 17.87 16.52
C LEU A 23 3.50 17.24 15.24
N ARG A 24 3.59 18.05 14.18
CA ARG A 24 4.23 17.61 12.95
C ARG A 24 5.73 17.56 13.16
N THR A 25 6.29 16.36 13.23
CA THR A 25 7.71 16.16 13.45
C THR A 25 8.47 15.69 12.23
N GLY A 26 7.77 15.18 11.22
CA GLY A 26 8.43 14.67 10.03
C GLY A 26 7.54 14.83 8.83
N TRP A 27 8.05 14.36 7.69
CA TRP A 27 7.34 14.39 6.42
C TRP A 27 7.37 13.02 5.79
N TYR A 28 6.22 12.57 5.28
CA TYR A 28 6.13 11.37 4.48
C TYR A 28 5.70 11.77 3.07
N THR A 29 6.45 11.34 2.06
CA THR A 29 6.22 11.71 0.68
C THR A 29 5.69 10.52 -0.12
N SER A 30 4.59 10.74 -0.83
CA SER A 30 3.98 9.72 -1.67
C SER A 30 3.85 10.24 -3.10
N VAL A 31 3.95 9.32 -4.06
CA VAL A 31 3.91 9.68 -5.48
C VAL A 31 2.52 9.38 -6.01
N ILE A 32 1.83 10.43 -6.49
CA ILE A 32 0.50 10.31 -7.08
C ILE A 32 0.65 10.46 -8.59
N THR A 33 0.13 9.49 -9.34
CA THR A 33 0.30 9.45 -10.78
C THR A 33 -1.04 9.45 -11.49
N ILE A 34 -1.05 10.05 -12.68
CA ILE A 34 -2.17 9.96 -13.61
C ILE A 34 -1.61 9.46 -14.94
N GLU A 35 -2.12 8.33 -15.42
CA GLU A 35 -1.66 7.79 -16.69
C GLU A 35 -2.28 8.59 -17.83
N LEU A 36 -1.43 9.04 -18.76
CA LEU A 36 -1.85 9.87 -19.87
C LEU A 36 -1.73 9.11 -21.19
N SER A 37 -2.45 9.61 -22.20
CA SER A 37 -2.48 9.02 -23.52
C SER A 37 -1.76 9.94 -24.50
N ASN A 38 -0.82 9.37 -25.26
CA ASN A 38 -0.09 10.12 -26.29
C ASN A 38 -0.90 10.08 -27.57
N ILE A 39 -1.55 11.19 -27.90
CA ILE A 39 -2.40 11.29 -29.09
C ILE A 39 -1.86 12.41 -29.97
N LYS A 40 -1.85 12.17 -31.27
CA LYS A 40 -1.44 13.15 -32.27
C LYS A 40 -2.47 13.36 -33.37
N GLU A 41 -3.14 12.29 -33.80
CA GLU A 41 -4.07 12.37 -34.92
C GLU A 41 -5.44 12.82 -34.42
N ASN A 42 -5.71 14.12 -34.52
CA ASN A 42 -7.05 14.65 -34.37
C ASN A 42 -7.79 14.71 -35.70
N LYS A 43 -7.31 13.97 -36.71
CA LYS A 43 -7.92 13.97 -38.04
C LYS A 43 -9.32 13.39 -37.95
N CYS A 44 -10.31 14.20 -38.35
CA CYS A 44 -11.70 13.74 -38.42
C CYS A 44 -12.47 14.69 -39.31
N ASN A 45 -12.96 14.19 -40.44
CA ASN A 45 -13.83 14.97 -41.31
C ASN A 45 -15.29 14.87 -40.86
N GLY A 46 -15.53 15.19 -39.59
CA GLY A 46 -16.84 15.07 -38.99
C GLY A 46 -17.39 16.43 -38.61
N THR A 47 -18.63 16.69 -39.04
CA THR A 47 -19.35 17.90 -38.69
C THR A 47 -20.41 17.66 -37.63
N ASP A 48 -20.58 16.41 -37.18
CA ASP A 48 -21.56 16.11 -36.15
C ASP A 48 -21.20 16.86 -34.87
N ALA A 49 -22.24 17.36 -34.19
CA ALA A 49 -22.01 18.17 -32.99
C ALA A 49 -21.36 17.35 -31.88
N LYS A 50 -21.74 16.08 -31.76
CA LYS A 50 -21.08 15.19 -30.82
C LYS A 50 -19.58 15.12 -31.12
N VAL A 51 -19.23 15.03 -32.40
CA VAL A 51 -17.83 15.00 -32.81
C VAL A 51 -17.13 16.30 -32.42
N LYS A 52 -17.80 17.44 -32.61
CA LYS A 52 -17.20 18.72 -32.24
C LYS A 52 -16.97 18.81 -30.74
N LEU A 53 -17.92 18.31 -29.93
CA LEU A 53 -17.74 18.31 -28.49
C LEU A 53 -16.57 17.42 -28.08
N ILE A 54 -16.45 16.24 -28.68
CA ILE A 54 -15.32 15.38 -28.38
C ILE A 54 -14.02 16.07 -28.76
N LYS A 55 -14.00 16.75 -29.91
CA LYS A 55 -12.80 17.45 -30.34
C LYS A 55 -12.43 18.56 -29.36
N GLN A 56 -13.42 19.30 -28.88
CA GLN A 56 -13.15 20.35 -27.90
C GLN A 56 -12.59 19.78 -26.61
N GLU A 57 -13.15 18.66 -26.14
CA GLU A 57 -12.70 18.12 -24.85
C GLU A 57 -11.31 17.52 -25.01
N LEU A 58 -11.01 16.99 -26.20
CA LEU A 58 -9.66 16.41 -26.45
C LEU A 58 -8.64 17.55 -26.55
N ASP A 59 -9.03 18.67 -27.15
CA ASP A 59 -8.11 19.84 -27.23
C ASP A 59 -7.86 20.35 -25.81
N LYS A 60 -8.90 20.39 -24.98
CA LYS A 60 -8.68 20.79 -23.60
C LYS A 60 -7.67 19.86 -22.93
N TYR A 61 -7.79 18.55 -23.16
CA TYR A 61 -6.85 17.60 -22.58
C TYR A 61 -5.42 17.86 -23.09
N LYS A 62 -5.29 18.07 -24.40
CA LYS A 62 -3.98 18.33 -24.99
C LYS A 62 -3.37 19.62 -24.46
N ASN A 63 -4.19 20.67 -24.33
CA ASN A 63 -3.71 21.94 -23.78
C ASN A 63 -3.27 21.76 -22.34
N ALA A 64 -4.02 20.99 -21.55
CA ALA A 64 -3.62 20.75 -20.16
C ALA A 64 -2.29 20.02 -20.10
N VAL A 65 -2.10 19.01 -20.95
CA VAL A 65 -0.85 18.26 -20.91
C VAL A 65 0.32 19.13 -21.32
N THR A 66 0.16 19.91 -22.39
CA THR A 66 1.25 20.77 -22.85
C THR A 66 1.56 21.88 -21.85
N GLU A 67 0.52 22.42 -21.20
CA GLU A 67 0.73 23.43 -20.17
C GLU A 67 1.49 22.85 -18.98
N LEU A 68 1.16 21.62 -18.58
CA LEU A 68 1.92 20.97 -17.52
C LEU A 68 3.37 20.74 -17.93
N GLN A 69 3.60 20.37 -19.18
CA GLN A 69 4.97 20.20 -19.66
C GLN A 69 5.75 21.52 -19.62
N LEU A 70 5.10 22.60 -20.06
CA LEU A 70 5.73 23.92 -20.01
C LEU A 70 5.99 24.35 -18.57
N LEU A 71 5.12 23.95 -17.64
CA LEU A 71 5.43 24.15 -16.23
C LEU A 71 6.65 23.34 -15.81
N MET A 72 6.75 22.10 -16.30
CA MET A 72 7.86 21.23 -15.95
C MET A 72 9.19 21.76 -16.46
N GLN A 73 9.19 22.55 -17.54
CA GLN A 73 10.48 23.13 -17.90
C GLN A 73 10.99 24.15 -16.89
N SER A 74 10.24 24.39 -15.80
CA SER A 74 10.67 25.20 -14.67
C SER A 74 10.62 24.31 -13.42
N THR A 75 11.79 24.00 -12.86
CA THR A 75 11.87 23.07 -11.75
C THR A 75 11.17 23.65 -10.51
N PRO A 76 10.56 22.80 -9.68
CA PRO A 76 9.80 23.30 -8.54
C PRO A 76 10.68 23.93 -7.48
N ALA A 77 10.19 25.04 -6.91
CA ALA A 77 10.87 25.75 -5.83
C ALA A 77 9.94 26.76 -5.20
N THR A 78 9.82 26.75 -3.87
CA THR A 78 8.96 27.69 -3.16
C THR A 78 9.81 28.77 -2.49
N ASN A 79 9.35 30.01 -2.57
CA ASN A 79 10.04 31.14 -1.97
C ASN A 79 9.12 32.35 -1.86
N GLU B 1 12.22 -11.78 -18.58
CA GLU B 1 10.99 -11.90 -19.34
C GLU B 1 10.72 -13.36 -19.74
N ILE B 2 11.78 -14.12 -19.98
CA ILE B 2 11.64 -15.53 -20.36
C ILE B 2 11.50 -16.43 -19.14
N VAL B 3 12.29 -16.17 -18.10
CA VAL B 3 12.35 -16.91 -16.83
C VAL B 3 12.12 -18.40 -16.99
N THR B 4 13.20 -19.17 -17.08
CA THR B 4 13.17 -20.62 -17.16
C THR B 4 13.67 -21.23 -15.84
N GLN B 5 13.03 -22.31 -15.42
CA GLN B 5 13.34 -22.96 -14.15
C GLN B 5 14.22 -24.20 -14.37
N SER B 6 14.90 -24.60 -13.30
CA SER B 6 15.82 -25.72 -13.32
C SER B 6 15.85 -26.41 -11.96
N PRO B 7 15.88 -27.75 -11.93
CA PRO B 7 15.74 -28.65 -13.08
C PRO B 7 14.27 -28.94 -13.33
N GLY B 8 13.94 -29.74 -14.35
CA GLY B 8 12.55 -30.06 -14.59
C GLY B 8 11.93 -30.84 -13.45
N THR B 9 12.63 -31.86 -12.96
CA THR B 9 12.17 -32.67 -11.84
C THR B 9 13.32 -32.83 -10.84
N LEU B 10 12.99 -32.68 -9.56
CA LEU B 10 13.97 -32.80 -8.49
C LEU B 10 13.63 -34.04 -7.66
N SER B 11 14.59 -34.95 -7.53
CA SER B 11 14.41 -36.19 -6.79
C SER B 11 15.24 -36.10 -5.51
N LEU B 12 14.55 -36.03 -4.37
CA LEU B 12 15.22 -35.90 -3.08
C LEU B 12 14.44 -36.66 -2.02
N SER B 13 15.18 -37.26 -1.08
CA SER B 13 14.55 -37.96 0.03
C SER B 13 13.91 -36.95 0.99
N PRO B 14 12.91 -37.38 1.76
CA PRO B 14 12.31 -36.48 2.76
C PRO B 14 13.35 -36.03 3.78
N GLY B 15 13.25 -34.78 4.19
CA GLY B 15 14.17 -34.20 5.15
C GLY B 15 15.46 -33.67 4.57
N GLU B 16 15.68 -33.84 3.28
CA GLU B 16 16.86 -33.29 2.62
C GLU B 16 16.61 -31.85 2.20
N ARG B 17 17.68 -31.17 1.78
CA ARG B 17 17.61 -29.78 1.37
C ARG B 17 17.39 -29.70 -0.14
N ALA B 18 16.40 -28.90 -0.54
CA ALA B 18 16.05 -28.75 -1.94
C ALA B 18 16.46 -27.36 -2.43
N THR B 19 17.06 -27.32 -3.62
CA THR B 19 17.50 -26.08 -4.24
C THR B 19 16.91 -25.99 -5.65
N LEU B 20 16.05 -25.00 -5.88
CA LEU B 20 15.40 -24.80 -7.16
C LEU B 20 15.90 -23.49 -7.76
N SER B 21 16.26 -23.52 -9.04
CA SER B 21 16.81 -22.34 -9.71
C SER B 21 15.79 -21.77 -10.70
N CYS B 22 15.79 -20.44 -10.82
CA CYS B 22 14.96 -19.73 -11.78
C CYS B 22 15.83 -18.64 -12.40
N ARG B 23 16.12 -18.77 -13.69
CA ARG B 23 16.95 -17.81 -14.41
C ARG B 23 16.09 -16.97 -15.34
N ALA B 24 16.59 -15.80 -15.71
CA ALA B 24 15.85 -14.87 -16.53
C ALA B 24 16.65 -14.48 -17.77
N SER B 25 15.94 -14.16 -18.85
CA SER B 25 16.60 -13.71 -20.07
C SER B 25 17.34 -12.40 -19.84
N GLN B 26 16.72 -11.48 -19.09
CA GLN B 26 17.32 -10.21 -18.75
C GLN B 26 17.15 -9.95 -17.25
N ASN B 27 17.82 -8.91 -16.77
CA ASN B 27 17.74 -8.58 -15.35
C ASN B 27 16.30 -8.22 -14.97
N VAL B 28 15.84 -8.79 -13.86
CA VAL B 28 14.49 -8.52 -13.36
C VAL B 28 14.51 -7.22 -12.57
N GLY B 29 13.66 -6.28 -12.96
CA GLY B 29 13.60 -4.98 -12.32
C GLY B 29 13.27 -5.05 -10.84
N SER B 30 14.09 -4.39 -10.02
CA SER B 30 13.88 -4.28 -8.57
C SER B 30 13.86 -5.64 -7.88
N ASN B 31 14.43 -6.66 -8.51
CA ASN B 31 14.44 -8.02 -7.96
C ASN B 31 13.03 -8.49 -7.61
N LEU B 32 12.07 -8.13 -8.46
CA LEU B 32 10.67 -8.47 -8.23
C LEU B 32 10.43 -9.89 -8.73
N LEU B 33 10.81 -10.85 -7.89
CA LEU B 33 10.69 -12.27 -8.18
C LEU B 33 9.89 -12.93 -7.07
N ALA B 34 8.89 -13.72 -7.45
CA ALA B 34 8.04 -14.42 -6.51
C ALA B 34 8.11 -15.91 -6.75
N TRP B 35 7.94 -16.66 -5.67
CA TRP B 35 7.88 -18.12 -5.70
C TRP B 35 6.53 -18.57 -5.15
N TYR B 36 5.85 -19.43 -5.90
CA TYR B 36 4.59 -20.05 -5.52
C TYR B 36 4.77 -21.56 -5.38
N GLN B 37 4.06 -22.14 -4.42
CA GLN B 37 3.93 -23.58 -4.29
C GLN B 37 2.53 -23.99 -4.70
N GLN B 38 2.42 -25.01 -5.55
CA GLN B 38 1.14 -25.52 -6.01
C GLN B 38 1.07 -27.02 -5.75
N LYS B 39 0.08 -27.43 -4.97
CA LYS B 39 -0.25 -28.82 -4.77
C LYS B 39 -0.99 -29.37 -6.00
N PRO B 40 -1.02 -30.69 -6.16
CA PRO B 40 -1.77 -31.26 -7.29
C PRO B 40 -3.25 -30.87 -7.24
N GLY B 41 -3.70 -30.22 -8.30
CA GLY B 41 -5.11 -29.86 -8.44
C GLY B 41 -5.67 -28.87 -7.46
N GLN B 42 -4.93 -27.78 -7.19
CA GLN B 42 -5.48 -26.67 -6.41
C GLN B 42 -4.69 -25.42 -6.74
N ALA B 43 -5.14 -24.30 -6.17
CA ALA B 43 -4.55 -23.01 -6.51
C ALA B 43 -3.14 -22.87 -5.94
N PRO B 44 -2.27 -22.13 -6.62
CA PRO B 44 -0.93 -21.89 -6.09
C PRO B 44 -0.97 -21.10 -4.78
N ARG B 45 0.02 -21.37 -3.93
CA ARG B 45 0.20 -20.67 -2.66
C ARG B 45 1.47 -19.84 -2.73
N LEU B 46 1.36 -18.56 -2.40
CA LEU B 46 2.52 -17.68 -2.46
C LEU B 46 3.51 -18.01 -1.35
N LEU B 47 4.76 -18.25 -1.74
CA LEU B 47 5.83 -18.55 -0.79
C LEU B 47 6.75 -17.36 -0.57
N ILE B 48 7.31 -16.81 -1.64
CA ILE B 48 8.30 -15.74 -1.54
C ILE B 48 7.87 -14.58 -2.44
N TYR B 49 8.07 -13.36 -1.95
CA TYR B 49 7.91 -12.15 -2.75
C TYR B 49 9.14 -11.29 -2.59
N GLY B 50 9.49 -10.55 -3.65
CA GLY B 50 10.69 -9.76 -3.65
C GLY B 50 11.98 -10.54 -3.72
N ALA B 51 11.89 -11.84 -4.06
CA ALA B 51 13.03 -12.74 -4.26
C ALA B 51 13.69 -13.15 -2.96
N SER B 52 13.34 -12.51 -1.85
CA SER B 52 13.90 -12.89 -0.55
C SER B 52 12.91 -12.86 0.60
N ASN B 53 11.76 -12.20 0.48
CA ASN B 53 10.82 -12.03 1.59
C ASN B 53 9.77 -13.13 1.55
N ARG B 54 9.62 -13.85 2.65
CA ARG B 54 8.64 -14.92 2.71
C ARG B 54 7.31 -14.37 3.21
N ALA B 55 6.23 -14.94 2.69
CA ALA B 55 4.90 -14.41 2.94
C ALA B 55 4.43 -14.76 4.35
N THR B 56 3.22 -14.32 4.69
CA THR B 56 2.67 -14.55 6.02
C THR B 56 2.29 -16.02 6.18
N GLY B 57 2.66 -16.61 7.32
CA GLY B 57 2.29 -17.97 7.63
C GLY B 57 3.13 -19.04 6.98
N ILE B 58 4.03 -18.67 6.07
CA ILE B 58 4.89 -19.65 5.41
C ILE B 58 5.97 -20.10 6.38
N PRO B 59 6.17 -21.41 6.57
CA PRO B 59 7.25 -21.86 7.45
C PRO B 59 8.61 -21.36 6.99
N ASP B 60 9.49 -21.12 7.96
CA ASP B 60 10.80 -20.57 7.66
C ASP B 60 11.71 -21.55 6.93
N ARG B 61 11.28 -22.80 6.72
CA ARG B 61 12.06 -23.72 5.91
C ARG B 61 12.15 -23.28 4.45
N PHE B 62 11.23 -22.43 4.00
CA PHE B 62 11.27 -21.87 2.65
C PHE B 62 12.01 -20.54 2.69
N SER B 63 13.01 -20.39 1.82
CA SER B 63 13.75 -19.16 1.73
C SER B 63 14.08 -18.86 0.27
N GLY B 64 14.28 -17.58 -0.02
CA GLY B 64 14.61 -17.16 -1.36
C GLY B 64 15.87 -16.31 -1.37
N SER B 65 16.60 -16.41 -2.48
CA SER B 65 17.83 -15.64 -2.65
C SER B 65 18.03 -15.39 -4.14
N GLY B 66 19.02 -14.57 -4.45
CA GLY B 66 19.41 -14.30 -5.82
C GLY B 66 19.18 -12.85 -6.21
N SER B 67 19.66 -12.54 -7.41
CA SER B 67 19.55 -11.19 -7.93
C SER B 67 19.68 -11.22 -9.45
N GLY B 68 19.30 -10.10 -10.08
CA GLY B 68 19.50 -9.91 -11.49
C GLY B 68 18.85 -10.98 -12.34
N THR B 69 19.68 -11.85 -12.91
CA THR B 69 19.23 -12.93 -13.77
C THR B 69 18.86 -14.18 -12.99
N ASP B 70 19.58 -14.50 -11.91
CA ASP B 70 19.49 -15.80 -11.28
C ASP B 70 18.89 -15.70 -9.89
N PHE B 71 17.90 -16.55 -9.60
CA PHE B 71 17.25 -16.62 -8.30
C PHE B 71 17.12 -18.07 -7.88
N THR B 72 17.00 -18.28 -6.57
CA THR B 72 17.01 -19.61 -5.99
C THR B 72 16.01 -19.69 -4.85
N LEU B 73 15.25 -20.79 -4.82
CA LEU B 73 14.37 -21.13 -3.72
C LEU B 73 14.94 -22.35 -3.00
N THR B 74 15.15 -22.22 -1.69
CA THR B 74 15.72 -23.30 -0.90
C THR B 74 14.72 -23.76 0.16
N ILE B 75 14.57 -25.08 0.26
CA ILE B 75 13.84 -25.73 1.34
C ILE B 75 14.87 -26.43 2.21
N SER B 76 14.99 -25.97 3.46
CA SER B 76 16.09 -26.45 4.31
C SER B 76 15.98 -27.95 4.58
N ARG B 77 14.79 -28.44 4.88
CA ARG B 77 14.56 -29.88 5.00
C ARG B 77 13.14 -30.19 4.57
N LEU B 78 12.99 -31.08 3.59
CA LEU B 78 11.70 -31.31 2.96
C LEU B 78 10.77 -32.10 3.88
N GLU B 79 9.54 -31.61 4.03
CA GLU B 79 8.46 -32.34 4.67
C GLU B 79 7.74 -33.20 3.64
N PRO B 80 6.99 -34.21 4.09
CA PRO B 80 6.22 -35.02 3.12
C PRO B 80 5.26 -34.21 2.28
N GLU B 81 4.70 -33.14 2.83
CA GLU B 81 3.78 -32.27 2.12
C GLU B 81 4.47 -31.33 1.13
N ASP B 82 5.81 -31.31 1.09
CA ASP B 82 6.55 -30.39 0.24
C ASP B 82 6.80 -30.90 -1.16
N PHE B 83 6.41 -32.14 -1.47
CA PHE B 83 6.72 -32.73 -2.76
C PHE B 83 5.60 -32.41 -3.77
N VAL B 84 5.60 -31.15 -4.19
CA VAL B 84 4.59 -30.59 -5.07
C VAL B 84 5.31 -29.75 -6.12
N VAL B 85 4.58 -28.97 -6.92
CA VAL B 85 5.23 -28.19 -7.96
C VAL B 85 5.49 -26.78 -7.44
N TYR B 86 6.52 -26.13 -8.00
CA TYR B 86 6.94 -24.80 -7.58
C TYR B 86 7.15 -23.92 -8.80
N HIS B 87 6.55 -22.73 -8.79
CA HIS B 87 6.63 -21.80 -9.91
C HIS B 87 7.35 -20.51 -9.49
N CYS B 88 8.08 -19.93 -10.44
CA CYS B 88 8.70 -18.62 -10.25
C CYS B 88 8.06 -17.62 -11.21
N GLN B 89 7.71 -16.45 -10.69
CA GLN B 89 7.11 -15.39 -11.46
C GLN B 89 7.94 -14.12 -11.34
N GLN B 90 8.08 -13.40 -12.44
CA GLN B 90 8.70 -12.08 -12.42
C GLN B 90 7.62 -11.02 -12.60
N TYR B 91 7.73 -9.95 -11.81
CA TYR B 91 6.78 -8.84 -11.92
C TYR B 91 7.50 -7.50 -11.86
N GLY B 92 8.75 -7.45 -12.32
CA GLY B 92 9.47 -6.21 -12.46
C GLY B 92 9.33 -5.55 -13.81
N SER B 93 8.51 -6.13 -14.69
CA SER B 93 8.31 -5.60 -16.04
C SER B 93 6.99 -6.13 -16.57
N SER B 94 6.51 -5.51 -17.65
CA SER B 94 5.28 -5.96 -18.26
C SER B 94 5.55 -6.61 -19.61
N PRO B 95 4.89 -7.74 -19.92
CA PRO B 95 3.92 -8.47 -19.10
C PRO B 95 4.58 -9.30 -18.01
N ARG B 96 3.85 -9.69 -16.97
CA ARG B 96 4.39 -10.57 -15.96
C ARG B 96 4.45 -11.98 -16.51
N THR B 97 5.60 -12.64 -16.34
CA THR B 97 5.81 -13.96 -16.92
C THR B 97 6.19 -14.95 -15.83
N PHE B 98 5.61 -16.15 -15.92
CA PHE B 98 5.89 -17.23 -15.00
C PHE B 98 6.97 -18.15 -15.56
N GLY B 99 7.33 -19.17 -14.78
CA GLY B 99 8.22 -20.21 -15.24
C GLY B 99 7.46 -21.49 -15.57
N GLN B 100 8.19 -22.45 -16.13
CA GLN B 100 7.58 -23.71 -16.52
C GLN B 100 7.19 -24.54 -15.30
N GLY B 101 7.88 -24.36 -14.18
CA GLY B 101 7.63 -25.10 -12.97
C GLY B 101 8.64 -26.21 -12.75
N THR B 102 8.81 -26.59 -11.49
CA THR B 102 9.72 -27.64 -11.09
C THR B 102 8.99 -28.61 -10.17
N LYS B 103 9.14 -29.90 -10.43
CA LYS B 103 8.53 -30.95 -9.61
C LYS B 103 9.56 -31.49 -8.62
N VAL B 104 9.17 -31.56 -7.35
CA VAL B 104 9.99 -32.18 -6.31
C VAL B 104 9.33 -33.51 -5.96
N GLU B 105 10.06 -34.60 -6.12
CA GLU B 105 9.53 -35.94 -5.94
C GLU B 105 10.37 -36.72 -4.93
N ILE B 106 9.70 -37.65 -4.23
CA ILE B 106 10.37 -38.46 -3.22
C ILE B 106 11.31 -39.45 -3.91
N ARG B 107 12.56 -39.49 -3.44
CA ARG B 107 13.53 -40.48 -3.97
C ARG B 107 13.44 -41.72 -3.08
N ARG B 108 13.56 -42.91 -3.66
CA ARG B 108 13.36 -44.16 -2.88
C ARG B 108 14.25 -45.26 -3.43
N THR B 109 14.09 -46.47 -2.89
CA THR B 109 14.86 -47.64 -3.39
C THR B 109 14.38 -47.93 -4.82
N VAL B 110 15.21 -48.58 -5.64
CA VAL B 110 14.89 -48.77 -7.04
C VAL B 110 13.82 -49.84 -7.22
N ALA B 111 12.57 -49.38 -7.37
CA ALA B 111 11.47 -50.16 -7.93
C ALA B 111 11.05 -51.39 -7.12
N ALA B 112 9.86 -51.92 -7.45
CA ALA B 112 9.34 -53.19 -6.94
C ALA B 112 8.20 -53.64 -7.84
N PRO B 113 8.47 -53.97 -9.11
CA PRO B 113 7.38 -54.17 -10.09
C PRO B 113 6.60 -55.45 -9.81
N SER B 114 5.28 -55.29 -9.63
CA SER B 114 4.39 -56.43 -9.41
C SER B 114 3.55 -56.70 -10.64
N PRO B 119 -1.56 -60.03 -26.29
CA PRO B 119 -2.59 -60.49 -27.24
C PRO B 119 -3.62 -59.39 -27.49
N PRO B 120 -4.54 -59.56 -28.46
CA PRO B 120 -5.59 -58.55 -28.67
C PRO B 120 -6.94 -59.02 -28.11
N SER B 121 -7.87 -58.10 -27.85
CA SER B 121 -9.21 -58.43 -27.30
C SER B 121 -10.15 -58.89 -28.43
N ASP B 122 -11.26 -59.51 -28.05
CA ASP B 122 -12.22 -60.01 -29.08
C ASP B 122 -13.20 -58.89 -29.43
N GLU B 123 -14.10 -58.54 -28.50
CA GLU B 123 -15.13 -57.51 -28.79
C GLU B 123 -14.52 -56.35 -29.59
N GLN B 124 -13.42 -55.77 -29.10
CA GLN B 124 -12.77 -54.62 -29.78
C GLN B 124 -12.42 -55.00 -31.22
N LEU B 125 -11.71 -56.13 -31.41
CA LEU B 125 -11.37 -56.58 -32.78
C LEU B 125 -12.68 -56.74 -33.56
N LYS B 126 -13.66 -57.41 -32.96
CA LYS B 126 -14.98 -57.55 -33.61
C LYS B 126 -15.49 -56.14 -33.91
N SER B 127 -15.27 -55.21 -32.99
CA SER B 127 -15.71 -53.83 -33.20
C SER B 127 -14.79 -53.06 -34.12
N GLY B 128 -13.79 -53.72 -34.70
CA GLY B 128 -12.85 -53.05 -35.58
C GLY B 128 -11.48 -52.87 -34.96
N THR B 129 -11.17 -51.65 -34.55
CA THR B 129 -9.85 -51.34 -34.02
C THR B 129 -9.56 -52.12 -32.75
N ALA B 130 -8.28 -52.25 -32.43
CA ALA B 130 -7.82 -52.97 -31.25
C ALA B 130 -6.68 -52.19 -30.58
N SER B 131 -6.52 -52.43 -29.29
CA SER B 131 -5.48 -51.76 -28.50
C SER B 131 -4.87 -52.75 -27.52
N VAL B 132 -3.57 -52.97 -27.65
CA VAL B 132 -2.83 -53.88 -26.77
C VAL B 132 -2.13 -53.07 -25.69
N VAL B 133 -2.26 -53.51 -24.44
CA VAL B 133 -1.74 -52.79 -23.29
C VAL B 133 -0.47 -53.46 -22.80
N CYS B 134 0.50 -52.63 -22.40
CA CYS B 134 1.74 -53.08 -21.76
C CYS B 134 1.83 -52.36 -20.42
N LEU B 135 1.33 -52.99 -19.38
CA LEU B 135 1.14 -52.35 -18.09
C LEU B 135 2.18 -52.83 -17.07
N LEU B 136 2.38 -52.01 -16.04
CA LEU B 136 3.37 -52.27 -14.99
C LEU B 136 2.77 -51.85 -13.65
N ASN B 137 3.55 -51.91 -12.58
CA ASN B 137 2.96 -51.42 -11.29
C ASN B 137 4.04 -50.86 -10.36
N ASN B 138 3.74 -50.78 -9.04
CA ASN B 138 4.66 -50.16 -8.06
C ASN B 138 6.11 -50.16 -8.56
N PHE B 139 6.59 -49.04 -9.07
CA PHE B 139 8.02 -48.93 -9.48
C PHE B 139 8.44 -47.48 -9.26
N TYR B 140 9.72 -47.23 -8.96
CA TYR B 140 10.13 -45.85 -8.68
C TYR B 140 10.83 -45.16 -9.85
N PRO B 141 11.97 -45.65 -10.36
CA PRO B 141 12.79 -44.82 -11.26
C PRO B 141 12.09 -44.61 -12.59
N ARG B 142 11.83 -43.34 -12.92
CA ARG B 142 10.83 -42.99 -13.94
C ARG B 142 11.32 -43.41 -15.33
N GLU B 143 11.21 -44.71 -15.59
CA GLU B 143 11.40 -45.25 -16.93
C GLU B 143 10.66 -46.59 -16.98
N ALA B 144 9.48 -46.61 -17.59
CA ALA B 144 8.64 -47.79 -17.66
C ALA B 144 8.12 -47.97 -19.07
N LYS B 145 8.38 -49.14 -19.67
CA LYS B 145 7.90 -49.54 -20.99
C LYS B 145 8.57 -48.71 -22.08
N VAL B 146 9.19 -49.37 -23.06
CA VAL B 146 9.96 -48.65 -24.08
C VAL B 146 9.45 -48.95 -25.49
N GLN B 147 9.55 -50.20 -25.92
CA GLN B 147 9.36 -50.54 -27.33
C GLN B 147 8.34 -51.65 -27.49
N TRP B 148 7.74 -51.69 -28.68
CA TRP B 148 6.78 -52.72 -29.08
C TRP B 148 7.44 -53.63 -30.12
N LYS B 149 6.76 -54.74 -30.42
CA LYS B 149 7.30 -55.68 -31.40
C LYS B 149 6.13 -56.36 -32.11
N VAL B 150 5.89 -55.96 -33.35
CA VAL B 150 4.86 -56.56 -34.19
C VAL B 150 5.59 -57.47 -35.19
N ASP B 151 5.56 -58.78 -34.91
CA ASP B 151 6.26 -59.77 -35.73
C ASP B 151 7.73 -59.42 -35.89
N ASN B 152 8.38 -59.16 -34.75
CA ASN B 152 9.81 -58.80 -34.70
C ASN B 152 10.09 -57.54 -35.52
N ALA B 153 9.35 -56.47 -35.22
CA ALA B 153 9.52 -55.19 -35.90
C ALA B 153 9.06 -54.08 -34.98
N LEU B 154 9.81 -52.98 -34.96
CA LEU B 154 9.48 -51.82 -34.13
C LEU B 154 8.58 -50.86 -34.89
N GLN B 155 7.75 -50.14 -34.14
CA GLN B 155 6.81 -49.19 -34.70
C GLN B 155 6.85 -47.89 -33.89
N SER B 156 6.44 -46.80 -34.55
CA SER B 156 6.41 -45.49 -33.92
C SER B 156 5.19 -44.73 -34.40
N GLY B 157 4.63 -43.91 -33.50
CA GLY B 157 3.48 -43.10 -33.82
C GLY B 157 2.13 -43.75 -33.62
N ASN B 158 2.09 -45.05 -33.29
CA ASN B 158 0.84 -45.77 -33.08
C ASN B 158 0.69 -46.28 -31.66
N SER B 159 1.51 -45.77 -30.72
CA SER B 159 1.43 -46.14 -29.32
C SER B 159 1.45 -44.88 -28.46
N GLN B 160 0.75 -44.93 -27.34
CA GLN B 160 0.65 -43.80 -26.43
C GLN B 160 0.96 -44.24 -25.00
N GLU B 161 1.77 -43.45 -24.31
CA GLU B 161 2.13 -43.70 -22.93
C GLU B 161 1.37 -42.76 -22.01
N SER B 162 1.14 -43.21 -20.78
CA SER B 162 0.42 -42.39 -19.80
C SER B 162 0.74 -42.92 -18.40
N VAL B 163 1.40 -42.09 -17.60
CA VAL B 163 1.92 -42.52 -16.32
CA VAL B 163 1.92 -42.53 -16.31
C VAL B 163 1.03 -41.98 -15.21
N THR B 164 1.24 -42.48 -13.99
CA THR B 164 0.49 -42.09 -12.81
C THR B 164 1.35 -41.14 -11.94
N GLU B 165 0.86 -40.86 -10.74
CA GLU B 165 1.57 -40.03 -9.77
C GLU B 165 2.23 -40.91 -8.72
N GLN B 166 3.18 -40.33 -7.97
CA GLN B 166 3.90 -41.09 -6.93
C GLN B 166 2.92 -41.51 -5.84
N ASP B 167 3.16 -42.67 -5.22
CA ASP B 167 2.21 -43.22 -4.22
C ASP B 167 2.32 -42.47 -2.88
N SER B 168 1.37 -42.71 -1.98
CA SER B 168 1.35 -41.96 -0.71
C SER B 168 2.32 -42.56 0.31
N LYS B 169 2.33 -43.89 0.47
CA LYS B 169 3.18 -44.49 1.53
C LYS B 169 4.18 -45.48 0.92
N ASP B 170 4.38 -45.45 -0.39
CA ASP B 170 5.41 -46.31 -1.00
C ASP B 170 6.08 -45.54 -2.12
N SER B 171 5.53 -44.37 -2.46
CA SER B 171 6.14 -43.51 -3.50
C SER B 171 6.49 -44.35 -4.74
N THR B 172 5.48 -44.93 -5.39
CA THR B 172 5.73 -45.81 -6.56
C THR B 172 4.57 -45.76 -7.57
N TYR B 173 4.18 -46.92 -8.12
CA TYR B 173 3.09 -47.05 -9.13
C TYR B 173 3.71 -46.98 -10.54
N SER B 174 2.91 -47.19 -11.61
CA SER B 174 3.53 -47.28 -12.93
C SER B 174 2.71 -46.74 -14.10
N LEU B 175 3.22 -46.98 -15.30
CA LEU B 175 2.74 -46.38 -16.54
C LEU B 175 1.91 -47.38 -17.34
N SER B 176 1.01 -46.84 -18.16
CA SER B 176 0.21 -47.62 -19.10
C SER B 176 0.62 -47.26 -20.52
N SER B 177 0.85 -48.26 -21.36
CA SER B 177 1.21 -48.06 -22.75
C SER B 177 0.20 -48.78 -23.63
N THR B 178 -0.53 -48.01 -24.44
CA THR B 178 -1.57 -48.55 -25.31
C THR B 178 -1.10 -48.46 -26.76
N LEU B 179 -1.03 -49.60 -27.43
CA LEU B 179 -0.71 -49.68 -28.85
C LEU B 179 -2.02 -49.84 -29.62
N THR B 180 -2.32 -48.88 -30.48
CA THR B 180 -3.57 -48.82 -31.22
C THR B 180 -3.33 -49.23 -32.67
N LEU B 181 -4.12 -50.20 -33.15
CA LEU B 181 -4.03 -50.60 -34.55
C LEU B 181 -5.40 -51.02 -35.04
N SER B 182 -5.69 -50.73 -36.30
CA SER B 182 -7.00 -51.02 -36.87
C SER B 182 -7.19 -52.53 -37.00
N LYS B 183 -8.40 -52.91 -37.40
CA LYS B 183 -8.72 -54.33 -37.57
C LYS B 183 -7.86 -54.97 -38.67
N ALA B 184 -7.42 -54.19 -39.64
CA ALA B 184 -6.58 -54.70 -40.71
C ALA B 184 -5.17 -55.04 -40.25
N ASP B 185 -4.75 -54.57 -39.08
CA ASP B 185 -3.42 -54.86 -38.56
C ASP B 185 -3.42 -55.75 -37.33
N TYR B 186 -4.51 -55.78 -36.56
CA TYR B 186 -4.58 -56.65 -35.39
C TYR B 186 -4.66 -58.12 -35.79
N GLU B 187 -5.49 -58.43 -36.78
CA GLU B 187 -5.60 -59.80 -37.29
C GLU B 187 -4.52 -60.15 -38.30
N LYS B 188 -3.79 -59.16 -38.81
CA LYS B 188 -2.70 -59.44 -39.75
C LYS B 188 -1.49 -60.06 -39.07
N HIS B 189 -1.31 -59.83 -37.77
CA HIS B 189 -0.20 -60.38 -37.00
C HIS B 189 -0.73 -61.27 -35.89
N LYS B 190 0.19 -61.99 -35.23
CA LYS B 190 -0.20 -62.90 -34.16
C LYS B 190 0.69 -62.79 -32.93
N VAL B 191 1.57 -61.78 -32.90
CA VAL B 191 2.44 -61.56 -31.70
C VAL B 191 2.55 -60.07 -31.42
N TYR B 192 2.60 -59.72 -30.13
CA TYR B 192 2.71 -58.29 -29.71
C TYR B 192 3.74 -58.21 -28.59
N ALA B 193 5.01 -58.37 -28.95
CA ALA B 193 6.06 -58.43 -27.91
C ALA B 193 6.42 -57.03 -27.38
N CYS B 194 7.16 -56.96 -26.27
CA CYS B 194 7.50 -55.70 -25.64
C CYS B 194 8.84 -55.83 -24.93
N GLU B 195 9.64 -54.78 -24.96
CA GLU B 195 10.92 -54.74 -24.27
C GLU B 195 10.97 -53.52 -23.37
N VAL B 196 11.14 -53.75 -22.07
CA VAL B 196 11.23 -52.69 -21.07
C VAL B 196 12.69 -52.55 -20.64
N THR B 197 13.09 -51.33 -20.30
CA THR B 197 14.46 -51.04 -19.89
C THR B 197 14.46 -50.39 -18.50
N HIS B 198 15.30 -50.93 -17.61
CA HIS B 198 15.54 -50.39 -16.28
C HIS B 198 14.24 -50.22 -15.49
N GLN B 199 13.59 -51.36 -15.24
CA GLN B 199 12.45 -51.43 -14.35
C GLN B 199 12.82 -51.74 -12.91
N GLY B 200 14.10 -51.62 -12.56
CA GLY B 200 14.56 -52.21 -11.31
C GLY B 200 14.37 -53.71 -11.32
N LEU B 201 14.67 -54.34 -12.45
CA LEU B 201 14.38 -55.75 -12.66
C LEU B 201 15.56 -56.35 -13.43
N SER B 202 15.36 -57.56 -13.96
CA SER B 202 16.41 -58.27 -14.68
C SER B 202 16.15 -58.32 -16.19
N SER B 203 14.99 -58.83 -16.59
CA SER B 203 14.62 -58.94 -17.99
C SER B 203 13.19 -58.43 -18.18
N PRO B 204 12.86 -57.95 -19.38
CA PRO B 204 11.48 -57.54 -19.65
C PRO B 204 10.51 -58.67 -19.34
N VAL B 205 9.43 -58.34 -18.65
CA VAL B 205 8.52 -59.34 -18.09
C VAL B 205 7.32 -59.52 -19.02
N THR B 206 6.84 -60.77 -19.09
CA THR B 206 5.58 -61.14 -19.75
C THR B 206 5.47 -60.55 -21.16
N LYS B 207 6.34 -61.05 -22.04
CA LYS B 207 6.39 -60.61 -23.43
C LYS B 207 5.73 -61.59 -24.40
N SER B 208 4.84 -62.43 -23.91
CA SER B 208 4.11 -63.40 -24.74
C SER B 208 2.72 -62.86 -25.04
N PHE B 209 2.41 -62.72 -26.33
CA PHE B 209 1.15 -62.09 -26.77
C PHE B 209 0.56 -62.82 -27.97
N ASN B 210 0.37 -64.14 -27.81
CA ASN B 210 -0.23 -64.96 -28.90
C ASN B 210 -1.65 -64.45 -29.21
N ARG B 211 -1.96 -64.28 -30.50
CA ARG B 211 -3.31 -63.81 -30.90
C ARG B 211 -4.37 -64.81 -30.42
N GLY B 212 -5.19 -64.42 -29.45
CA GLY B 212 -6.27 -65.30 -28.95
C GLY B 212 -6.30 -65.38 -27.43
N GLU B 213 -7.42 -65.82 -26.84
CA GLU B 213 -7.51 -65.86 -25.39
C GLU B 213 -7.30 -67.27 -24.85
N GLN C 1 -11.25 -12.53 6.30
CA GLN C 1 -10.28 -13.13 5.39
C GLN C 1 -10.76 -13.04 3.95
N VAL C 2 -9.96 -12.40 3.10
CA VAL C 2 -10.34 -12.22 1.70
C VAL C 2 -10.17 -13.54 0.97
N GLN C 3 -11.19 -13.93 0.22
CA GLN C 3 -11.12 -15.16 -0.57
C GLN C 3 -11.92 -14.96 -1.85
N LEU C 4 -11.66 -15.80 -2.84
CA LEU C 4 -12.31 -15.72 -4.14
C LEU C 4 -12.97 -17.06 -4.45
N VAL C 5 -14.23 -17.01 -4.86
CA VAL C 5 -15.00 -18.20 -5.24
C VAL C 5 -15.33 -18.09 -6.72
N GLU C 6 -14.92 -19.09 -7.49
CA GLU C 6 -15.11 -19.09 -8.94
C GLU C 6 -16.33 -19.92 -9.33
N SER C 7 -16.64 -19.88 -10.62
CA SER C 7 -17.79 -20.60 -11.16
C SER C 7 -17.41 -22.06 -11.42
N GLY C 8 -18.40 -22.86 -11.84
CA GLY C 8 -18.17 -24.27 -12.09
C GLY C 8 -17.42 -24.52 -13.38
N ALA C 9 -17.04 -25.78 -13.57
CA ALA C 9 -16.29 -26.17 -14.76
C ALA C 9 -17.17 -26.04 -16.01
N GLU C 10 -16.52 -25.70 -17.13
CA GLU C 10 -17.22 -25.44 -18.37
C GLU C 10 -16.58 -26.21 -19.51
N ALA C 11 -17.41 -26.71 -20.42
CA ALA C 11 -16.95 -27.33 -21.67
C ALA C 11 -17.66 -26.63 -22.82
N LYS C 12 -16.88 -26.11 -23.77
CA LYS C 12 -17.43 -25.31 -24.86
C LYS C 12 -16.85 -25.77 -26.19
N LYS C 13 -17.66 -25.66 -27.23
CA LYS C 13 -17.24 -26.00 -28.59
C LYS C 13 -16.32 -24.90 -29.13
N PRO C 14 -15.45 -25.23 -30.08
CA PRO C 14 -14.49 -24.24 -30.59
C PRO C 14 -15.18 -23.05 -31.25
N GLY C 15 -14.54 -21.90 -31.15
CA GLY C 15 -15.04 -20.68 -31.77
C GLY C 15 -16.11 -19.96 -31.00
N SER C 16 -16.51 -20.45 -29.84
CA SER C 16 -17.55 -19.83 -29.03
C SER C 16 -16.91 -19.00 -27.92
N SER C 17 -17.73 -18.49 -26.99
CA SER C 17 -17.29 -17.62 -25.93
C SER C 17 -17.58 -18.25 -24.58
N VAL C 18 -16.61 -18.16 -23.67
CA VAL C 18 -16.75 -18.66 -22.30
C VAL C 18 -16.60 -17.48 -21.35
N LYS C 19 -17.45 -17.44 -20.32
CA LYS C 19 -17.46 -16.36 -19.34
C LYS C 19 -17.38 -16.96 -17.95
N VAL C 20 -16.30 -16.64 -17.23
CA VAL C 20 -16.02 -17.19 -15.91
C VAL C 20 -16.17 -16.09 -14.87
N SER C 21 -16.74 -16.45 -13.72
CA SER C 21 -17.05 -15.53 -12.63
C SER C 21 -16.07 -15.71 -11.48
N CYS C 22 -15.97 -14.65 -10.67
CA CYS C 22 -15.10 -14.67 -9.48
C CYS C 22 -15.71 -13.71 -8.48
N LYS C 23 -16.20 -14.23 -7.35
CA LYS C 23 -16.82 -13.43 -6.31
C LYS C 23 -15.89 -13.33 -5.10
N ILE C 24 -15.75 -12.11 -4.57
CA ILE C 24 -14.83 -11.82 -3.48
C ILE C 24 -15.59 -11.80 -2.17
N SER C 25 -15.03 -12.44 -1.15
CA SER C 25 -15.57 -12.46 0.19
C SER C 25 -14.55 -11.90 1.16
N GLY C 26 -15.02 -11.09 2.11
CA GLY C 26 -14.15 -10.49 3.10
C GLY C 26 -13.47 -9.22 2.66
N GLY C 27 -13.79 -8.68 1.49
CA GLY C 27 -13.17 -7.46 1.03
C GLY C 27 -13.97 -6.82 -0.08
N THR C 28 -13.70 -5.54 -0.29
CA THR C 28 -14.39 -4.74 -1.30
C THR C 28 -13.70 -4.90 -2.66
N LEU C 29 -14.50 -4.81 -3.72
CA LEU C 29 -13.94 -4.89 -5.08
C LEU C 29 -13.00 -3.72 -5.35
N ASN C 30 -13.32 -2.53 -4.83
CA ASN C 30 -12.45 -1.37 -5.00
C ASN C 30 -11.15 -1.51 -4.22
N ASP C 31 -11.11 -2.37 -3.20
CA ASP C 31 -9.91 -2.58 -2.42
C ASP C 31 -9.02 -3.69 -2.96
N TYR C 32 -9.44 -4.39 -4.00
CA TYR C 32 -8.75 -5.60 -4.43
C TYR C 32 -8.86 -5.78 -5.94
N PRO C 33 -7.96 -5.18 -6.71
CA PRO C 33 -7.93 -5.43 -8.16
C PRO C 33 -7.67 -6.91 -8.44
N ILE C 34 -8.34 -7.44 -9.45
CA ILE C 34 -8.39 -8.88 -9.70
C ILE C 34 -7.56 -9.21 -10.94
N ARG C 35 -6.61 -10.13 -10.80
CA ARG C 35 -5.79 -10.57 -11.91
C ARG C 35 -6.27 -11.94 -12.40
N TRP C 36 -6.30 -12.11 -13.72
CA TRP C 36 -6.73 -13.36 -14.35
C TRP C 36 -5.52 -14.05 -14.95
N VAL C 37 -5.26 -15.28 -14.49
CA VAL C 37 -4.14 -16.10 -14.92
C VAL C 37 -4.69 -17.44 -15.36
N ARG C 38 -3.91 -18.16 -16.17
CA ARG C 38 -4.35 -19.48 -16.63
C ARG C 38 -3.15 -20.39 -16.79
N GLN C 39 -3.42 -21.69 -16.75
CA GLN C 39 -2.41 -22.69 -17.08
C GLN C 39 -3.06 -23.87 -17.78
N ALA C 40 -2.47 -24.27 -18.90
CA ALA C 40 -2.86 -25.50 -19.55
C ALA C 40 -2.40 -26.69 -18.72
N PRO C 41 -3.10 -27.84 -18.81
CA PRO C 41 -2.66 -29.01 -18.04
C PRO C 41 -1.23 -29.41 -18.39
N GLY C 42 -0.42 -29.61 -17.35
CA GLY C 42 0.97 -29.96 -17.50
C GLY C 42 1.91 -28.78 -17.69
N GLN C 43 1.41 -27.66 -18.20
CA GLN C 43 2.23 -26.50 -18.48
C GLN C 43 2.24 -25.52 -17.30
N GLY C 44 3.07 -24.50 -17.42
CA GLY C 44 3.16 -23.48 -16.39
C GLY C 44 2.06 -22.45 -16.50
N LEU C 45 2.07 -21.53 -15.54
CA LEU C 45 1.07 -20.47 -15.51
C LEU C 45 1.32 -19.46 -16.63
N GLU C 46 0.25 -18.77 -17.01
CA GLU C 46 0.30 -17.77 -18.07
C GLU C 46 -0.53 -16.55 -17.67
N TRP C 47 0.12 -15.41 -17.54
CA TRP C 47 -0.57 -14.18 -17.17
C TRP C 47 -1.49 -13.72 -18.29
N MET C 48 -2.78 -13.62 -18.00
CA MET C 48 -3.73 -13.19 -19.01
C MET C 48 -4.01 -11.69 -18.92
N GLY C 49 -4.48 -11.23 -17.77
CA GLY C 49 -4.81 -9.82 -17.68
C GLY C 49 -5.21 -9.43 -16.27
N GLY C 50 -5.81 -8.24 -16.16
CA GLY C 50 -6.24 -7.76 -14.86
C GLY C 50 -7.23 -6.64 -14.96
N ILE C 51 -7.98 -6.45 -13.86
CA ILE C 51 -9.02 -5.43 -13.79
C ILE C 51 -8.84 -4.65 -12.49
N ILE C 52 -8.90 -3.33 -12.59
CA ILE C 52 -8.87 -2.43 -11.43
C ILE C 52 -10.21 -1.73 -11.37
N PRO C 53 -11.17 -2.27 -10.61
CA PRO C 53 -12.51 -1.66 -10.56
C PRO C 53 -12.52 -0.24 -10.03
N ILE C 54 -11.66 0.09 -9.06
CA ILE C 54 -11.71 1.41 -8.45
C ILE C 54 -11.36 2.50 -9.45
N LEU C 55 -10.53 2.18 -10.44
CA LEU C 55 -10.28 3.07 -11.56
C LEU C 55 -11.22 2.78 -12.73
N GLY C 56 -12.04 1.75 -12.63
CA GLY C 56 -12.88 1.34 -13.75
C GLY C 56 -12.08 0.99 -14.98
N THR C 57 -10.93 0.33 -14.81
CA THR C 57 -10.03 0.06 -15.92
C THR C 57 -9.71 -1.43 -15.97
N SER C 58 -9.19 -1.85 -17.13
CA SER C 58 -8.79 -3.24 -17.31
C SER C 58 -7.71 -3.28 -18.38
N TYR C 59 -6.95 -4.38 -18.36
CA TYR C 59 -5.88 -4.57 -19.33
C TYR C 59 -5.72 -6.06 -19.59
N GLU C 60 -5.17 -6.38 -20.77
CA GLU C 60 -4.87 -7.74 -21.15
C GLU C 60 -3.50 -7.78 -21.80
N THR C 61 -2.85 -8.93 -21.72
CA THR C 61 -1.57 -9.09 -22.40
C THR C 61 -1.77 -9.11 -23.92
N GLN C 62 -0.67 -8.98 -24.65
CA GLN C 62 -0.75 -8.88 -26.11
C GLN C 62 -1.36 -10.13 -26.73
N LYS C 63 -1.15 -11.30 -26.12
CA LYS C 63 -1.70 -12.54 -26.64
C LYS C 63 -3.21 -12.64 -26.49
N PHE C 64 -3.83 -11.73 -25.72
CA PHE C 64 -5.26 -11.83 -25.43
C PHE C 64 -6.04 -10.57 -25.77
N GLN C 65 -5.40 -9.57 -26.38
CA GLN C 65 -6.12 -8.36 -26.75
C GLN C 65 -7.01 -8.64 -27.97
N GLY C 66 -8.27 -8.26 -27.87
CA GLY C 66 -9.26 -8.55 -28.90
C GLY C 66 -10.09 -9.79 -28.64
N ARG C 67 -9.64 -10.67 -27.77
CA ARG C 67 -10.37 -11.88 -27.40
C ARG C 67 -10.81 -11.92 -25.95
N LEU C 68 -10.13 -11.22 -25.06
CA LEU C 68 -10.41 -11.26 -23.63
C LEU C 68 -11.09 -9.96 -23.20
N THR C 69 -12.19 -10.10 -22.47
CA THR C 69 -12.96 -8.96 -21.95
C THR C 69 -13.14 -9.15 -20.46
N LEU C 70 -12.69 -8.16 -19.67
CA LEU C 70 -12.81 -8.19 -18.23
C LEU C 70 -13.82 -7.13 -17.79
N THR C 71 -14.76 -7.54 -16.94
CA THR C 71 -15.82 -6.65 -16.47
C THR C 71 -16.02 -6.86 -14.98
N ALA C 72 -16.61 -5.86 -14.33
CA ALA C 72 -16.86 -5.91 -12.89
C ALA C 72 -18.30 -5.53 -12.62
N ASP C 73 -18.85 -6.11 -11.55
CA ASP C 73 -20.18 -5.80 -11.05
C ASP C 73 -20.06 -5.59 -9.55
N GLU C 74 -20.17 -4.32 -9.13
CA GLU C 74 -19.89 -3.96 -7.74
C GLU C 74 -21.00 -4.35 -6.77
N LEU C 75 -22.27 -4.30 -7.21
CA LEU C 75 -23.36 -4.61 -6.29
C LEU C 75 -23.39 -6.08 -5.92
N THR C 76 -22.99 -6.98 -6.83
CA THR C 76 -22.84 -8.39 -6.50
C THR C 76 -21.42 -8.76 -6.12
N SER C 77 -20.50 -7.79 -6.09
CA SER C 77 -19.11 -8.00 -5.68
C SER C 77 -18.45 -9.10 -6.52
N THR C 78 -18.58 -8.99 -7.83
CA THR C 78 -18.15 -10.05 -8.73
C THR C 78 -17.34 -9.46 -9.89
N VAL C 79 -16.45 -10.29 -10.43
CA VAL C 79 -15.66 -9.94 -11.61
C VAL C 79 -15.83 -11.06 -12.63
N TYR C 80 -16.05 -10.71 -13.88
CA TYR C 80 -16.24 -11.66 -14.95
C TYR C 80 -15.16 -11.49 -16.00
N MET C 81 -14.67 -12.62 -16.51
CA MET C 81 -13.82 -12.63 -17.69
C MET C 81 -14.55 -13.36 -18.80
N GLU C 82 -14.27 -12.98 -20.03
CA GLU C 82 -14.90 -13.60 -21.19
C GLU C 82 -13.87 -13.76 -22.29
N LEU C 83 -13.65 -15.01 -22.69
CA LEU C 83 -12.71 -15.35 -23.75
C LEU C 83 -13.46 -15.86 -24.97
N ARG C 84 -13.07 -15.38 -26.14
CA ARG C 84 -13.76 -15.65 -27.39
C ARG C 84 -12.77 -16.19 -28.42
N TYR C 85 -13.32 -16.76 -29.50
CA TYR C 85 -12.53 -17.37 -30.57
C TYR C 85 -11.67 -18.50 -30.03
N LEU C 86 -12.32 -19.45 -29.36
CA LEU C 86 -11.62 -20.50 -28.65
C LEU C 86 -10.87 -21.43 -29.60
N THR C 87 -9.82 -22.05 -29.07
CA THR C 87 -8.95 -22.95 -29.82
C THR C 87 -8.52 -24.07 -28.88
N SER C 88 -8.00 -25.16 -29.46
CA SER C 88 -7.56 -26.29 -28.65
C SER C 88 -6.54 -25.88 -27.61
N GLU C 89 -5.74 -24.85 -27.88
CA GLU C 89 -4.76 -24.33 -26.94
C GLU C 89 -5.36 -23.32 -25.95
N ASP C 90 -6.68 -23.30 -25.80
CA ASP C 90 -7.35 -22.45 -24.82
C ASP C 90 -8.10 -23.24 -23.77
N ALA C 91 -7.97 -24.57 -23.77
CA ALA C 91 -8.53 -25.40 -22.72
C ALA C 91 -7.52 -25.49 -21.59
N ALA C 92 -7.91 -25.04 -20.40
CA ALA C 92 -6.95 -24.84 -19.33
C ALA C 92 -7.71 -24.59 -18.03
N VAL C 93 -6.95 -24.40 -16.95
CA VAL C 93 -7.51 -23.99 -15.67
C VAL C 93 -7.29 -22.49 -15.51
N TYR C 94 -8.34 -21.78 -15.17
CA TYR C 94 -8.34 -20.32 -15.07
C TYR C 94 -8.49 -19.91 -13.61
N PHE C 95 -7.64 -18.98 -13.16
CA PHE C 95 -7.61 -18.52 -11.79
C PHE C 95 -7.80 -17.01 -11.75
N CYS C 96 -8.55 -16.55 -10.75
CA CYS C 96 -8.59 -15.16 -10.37
C CYS C 96 -7.82 -15.01 -9.06
N ALA C 97 -6.96 -14.00 -8.98
CA ALA C 97 -6.08 -13.83 -7.83
C ALA C 97 -5.99 -12.36 -7.46
N THR C 98 -5.53 -12.11 -6.24
CA THR C 98 -5.41 -10.76 -5.70
C THR C 98 -4.19 -10.71 -4.79
N MET C 99 -4.09 -9.64 -3.99
CA MET C 99 -3.02 -9.46 -3.04
C MET C 99 -3.55 -8.67 -1.85
N THR C 100 -2.95 -8.89 -0.68
CA THR C 100 -3.42 -8.29 0.55
C THR C 100 -2.66 -7.03 0.94
N SER C 101 -1.56 -6.70 0.26
CA SER C 101 -0.76 -5.55 0.65
C SER C 101 -0.15 -4.90 -0.59
N PRO C 102 0.10 -3.58 -0.56
CA PRO C 102 0.71 -2.92 -1.72
C PRO C 102 2.18 -3.24 -1.92
N VAL C 103 2.83 -3.91 -0.96
CA VAL C 103 4.24 -4.26 -1.13
C VAL C 103 4.41 -5.38 -2.15
N PHE C 104 3.36 -6.17 -2.41
CA PHE C 104 3.50 -7.30 -3.32
C PHE C 104 3.56 -6.88 -4.78
N ILE C 105 2.95 -5.73 -5.13
CA ILE C 105 2.93 -5.19 -6.48
C ILE C 105 2.18 -6.14 -7.43
N ASP C 106 2.79 -7.29 -7.75
CA ASP C 106 2.08 -8.34 -8.49
C ASP C 106 2.40 -9.74 -7.97
N ALA C 107 2.84 -9.86 -6.73
CA ALA C 107 2.94 -11.17 -6.07
C ALA C 107 1.57 -11.52 -5.52
N LEU C 108 0.94 -12.53 -6.10
CA LEU C 108 -0.48 -12.80 -5.85
C LEU C 108 -0.65 -13.58 -4.55
N ASP C 109 -1.38 -12.99 -3.61
CA ASP C 109 -1.50 -13.49 -2.25
C ASP C 109 -2.67 -14.47 -2.13
N VAL C 110 -3.87 -14.04 -2.52
CA VAL C 110 -5.09 -14.84 -2.40
C VAL C 110 -5.52 -15.29 -3.79
N TRP C 111 -6.00 -16.52 -3.89
CA TRP C 111 -6.34 -17.13 -5.17
C TRP C 111 -7.75 -17.72 -5.11
N GLY C 112 -8.38 -17.80 -6.29
CA GLY C 112 -9.63 -18.52 -6.40
C GLY C 112 -9.40 -20.02 -6.50
N GLN C 113 -10.50 -20.76 -6.38
CA GLN C 113 -10.41 -22.22 -6.44
C GLN C 113 -10.00 -22.73 -7.81
N GLY C 114 -10.16 -21.93 -8.85
CA GLY C 114 -9.88 -22.34 -10.21
C GLY C 114 -11.12 -22.81 -10.93
N THR C 115 -11.09 -22.68 -12.26
CA THR C 115 -12.19 -23.11 -13.11
C THR C 115 -11.62 -23.82 -14.35
N ARG C 116 -12.05 -25.05 -14.58
CA ARG C 116 -11.57 -25.82 -15.72
C ARG C 116 -12.42 -25.52 -16.94
N VAL C 117 -11.76 -25.22 -18.06
CA VAL C 117 -12.43 -24.91 -19.32
C VAL C 117 -11.90 -25.88 -20.38
N THR C 118 -12.82 -26.64 -20.97
CA THR C 118 -12.50 -27.66 -21.96
C THR C 118 -12.97 -27.18 -23.32
N VAL C 119 -12.02 -26.83 -24.19
CA VAL C 119 -12.31 -26.55 -25.58
C VAL C 119 -12.56 -27.89 -26.27
N SER C 120 -13.82 -28.17 -26.59
CA SER C 120 -14.25 -29.49 -27.01
C SER C 120 -14.11 -29.66 -28.52
N SER C 121 -14.55 -30.82 -29.00
CA SER C 121 -14.78 -31.06 -30.43
C SER C 121 -16.04 -31.88 -30.65
N ALA C 122 -16.82 -32.11 -29.59
CA ALA C 122 -17.98 -32.99 -29.60
C ALA C 122 -18.86 -32.59 -28.41
N SER C 123 -19.79 -33.47 -28.04
CA SER C 123 -20.62 -33.25 -26.85
C SER C 123 -20.65 -34.53 -26.02
N THR C 124 -21.55 -34.60 -25.05
CA THR C 124 -21.67 -35.77 -24.18
C THR C 124 -21.73 -37.05 -25.00
N LYS C 125 -20.72 -37.92 -24.83
CA LYS C 125 -20.59 -39.12 -25.64
C LYS C 125 -19.94 -40.21 -24.80
N GLY C 126 -20.56 -41.40 -24.80
CA GLY C 126 -20.17 -42.46 -23.91
C GLY C 126 -18.89 -43.18 -24.30
N PRO C 127 -18.35 -43.98 -23.35
CA PRO C 127 -17.09 -44.69 -23.60
C PRO C 127 -17.29 -46.06 -24.20
N SER C 128 -16.19 -46.80 -24.39
CA SER C 128 -16.24 -48.20 -24.77
C SER C 128 -15.32 -48.99 -23.85
N VAL C 129 -15.72 -50.23 -23.55
CA VAL C 129 -15.07 -51.04 -22.51
C VAL C 129 -14.64 -52.38 -23.12
N PHE C 130 -13.41 -52.80 -22.79
CA PHE C 130 -12.90 -54.07 -23.35
C PHE C 130 -11.97 -54.76 -22.36
N PRO C 131 -12.14 -56.06 -22.13
CA PRO C 131 -11.31 -56.77 -21.14
C PRO C 131 -9.96 -57.22 -21.69
N LEU C 132 -9.21 -57.96 -20.88
CA LEU C 132 -7.91 -58.50 -21.25
C LEU C 132 -7.99 -60.02 -21.38
N ALA C 133 -6.87 -60.63 -21.73
CA ALA C 133 -6.73 -62.06 -21.94
C ALA C 133 -5.46 -62.55 -21.25
N PRO C 134 -5.36 -63.86 -20.98
CA PRO C 134 -4.13 -64.41 -20.40
C PRO C 134 -2.88 -64.00 -21.17
N SER C 135 -1.91 -63.37 -20.51
CA SER C 135 -0.73 -62.86 -21.22
C SER C 135 0.43 -63.85 -21.17
N SER C 136 1.01 -64.06 -19.98
CA SER C 136 2.01 -65.11 -19.82
C SER C 136 1.69 -66.05 -18.66
N LYS C 137 1.47 -65.47 -17.48
CA LYS C 137 1.35 -66.21 -16.23
C LYS C 137 1.10 -65.26 -15.06
N GLY C 142 5.34 -64.54 -9.76
CA GLY C 142 4.75 -64.35 -8.44
C GLY C 142 3.27 -64.05 -8.48
N THR C 143 2.94 -62.76 -8.54
CA THR C 143 1.55 -62.32 -8.58
C THR C 143 1.10 -62.19 -10.05
N ALA C 144 -0.07 -61.63 -10.27
CA ALA C 144 -0.60 -61.44 -11.61
C ALA C 144 -1.47 -60.19 -11.62
N ALA C 145 -1.35 -59.41 -12.70
CA ALA C 145 -2.08 -58.16 -12.86
C ALA C 145 -2.94 -58.23 -14.12
N LEU C 146 -4.19 -57.80 -14.00
CA LEU C 146 -5.11 -57.76 -15.11
C LEU C 146 -5.85 -56.43 -15.11
N GLY C 147 -6.34 -56.04 -16.30
CA GLY C 147 -6.88 -54.70 -16.48
C GLY C 147 -8.17 -54.71 -17.29
N CYS C 148 -8.76 -53.51 -17.39
CA CYS C 148 -10.01 -53.30 -18.11
C CYS C 148 -9.87 -52.00 -18.89
N LEU C 149 -9.67 -52.12 -20.21
CA LEU C 149 -9.38 -50.97 -21.06
C LEU C 149 -10.66 -50.18 -21.37
N VAL C 150 -10.53 -48.85 -21.38
CA VAL C 150 -11.64 -47.94 -21.65
C VAL C 150 -11.22 -46.96 -22.72
N LYS C 151 -12.20 -46.47 -23.48
CA LYS C 151 -11.91 -45.59 -24.61
C LYS C 151 -13.03 -44.55 -24.79
N ASP C 152 -12.69 -43.50 -25.54
CA ASP C 152 -13.64 -42.51 -26.05
C ASP C 152 -14.33 -41.76 -24.92
N TYR C 153 -13.51 -41.01 -24.19
CA TYR C 153 -14.00 -40.07 -23.18
C TYR C 153 -14.67 -38.87 -23.83
N PHE C 154 -15.20 -37.98 -22.98
CA PHE C 154 -15.41 -36.57 -23.33
C PHE C 154 -15.87 -35.72 -22.14
N PRO C 155 -17.02 -36.02 -21.50
CA PRO C 155 -17.53 -35.10 -20.47
C PRO C 155 -16.73 -35.12 -19.18
N GLU C 156 -15.43 -34.78 -19.24
CA GLU C 156 -14.57 -34.58 -18.08
C GLU C 156 -14.28 -35.90 -17.37
N PRO C 157 -13.13 -36.04 -16.70
CA PRO C 157 -12.86 -37.27 -15.96
C PRO C 157 -13.97 -37.60 -14.97
N VAL C 158 -14.40 -38.87 -14.96
CA VAL C 158 -15.64 -39.26 -14.31
C VAL C 158 -15.40 -40.34 -13.27
N THR C 159 -16.34 -40.44 -12.34
CA THR C 159 -16.31 -41.42 -11.26
C THR C 159 -17.69 -42.05 -11.10
N VAL C 160 -17.71 -43.36 -10.85
CA VAL C 160 -18.96 -44.09 -10.65
C VAL C 160 -18.67 -45.36 -9.88
N SER C 161 -19.48 -45.64 -8.85
CA SER C 161 -19.25 -46.79 -7.98
C SER C 161 -20.52 -47.63 -7.87
N TRP C 162 -20.38 -48.93 -8.15
CA TRP C 162 -21.44 -49.91 -7.94
C TRP C 162 -20.79 -51.28 -7.82
N ASN C 163 -21.14 -52.02 -6.76
CA ASN C 163 -20.51 -53.28 -6.38
C ASN C 163 -19.01 -53.11 -6.11
N SER C 164 -18.56 -51.88 -5.91
CA SER C 164 -17.15 -51.60 -5.64
C SER C 164 -16.83 -51.93 -4.19
N GLY C 165 -15.65 -51.52 -3.73
CA GLY C 165 -15.20 -51.93 -2.41
C GLY C 165 -14.81 -50.81 -1.46
N ALA C 166 -14.15 -51.21 -0.37
CA ALA C 166 -13.75 -50.34 0.72
C ALA C 166 -12.33 -49.83 0.47
N LEU C 167 -11.68 -49.31 1.52
CA LEU C 167 -10.33 -48.77 1.45
C LEU C 167 -9.36 -49.81 0.89
N THR C 168 -8.15 -49.34 0.58
CA THR C 168 -7.09 -50.06 -0.14
C THR C 168 -7.63 -50.90 -1.29
N SER C 169 -7.19 -52.15 -1.40
CA SER C 169 -7.43 -52.98 -2.57
C SER C 169 -6.89 -52.30 -3.83
N GLY C 170 -5.75 -51.64 -3.69
CA GLY C 170 -5.15 -50.90 -4.78
C GLY C 170 -5.72 -49.50 -4.92
N VAL C 171 -5.11 -48.74 -5.82
CA VAL C 171 -5.55 -47.39 -6.16
C VAL C 171 -5.87 -47.36 -7.66
N HIS C 172 -6.95 -46.67 -8.00
CA HIS C 172 -7.44 -46.61 -9.39
C HIS C 172 -7.76 -45.16 -9.72
N THR C 173 -6.75 -44.42 -10.18
CA THR C 173 -6.89 -43.03 -10.62
C THR C 173 -6.07 -42.80 -11.88
N PHE C 174 -6.20 -43.71 -12.84
CA PHE C 174 -5.29 -43.79 -13.96
C PHE C 174 -5.44 -42.58 -14.90
N PRO C 175 -4.42 -42.32 -15.73
CA PRO C 175 -4.26 -40.98 -16.33
C PRO C 175 -5.41 -40.45 -17.19
N ALA C 176 -5.99 -41.27 -18.07
CA ALA C 176 -7.00 -40.83 -19.04
C ALA C 176 -6.43 -39.75 -19.99
N VAL C 177 -5.45 -40.17 -20.79
CA VAL C 177 -4.80 -39.30 -21.75
C VAL C 177 -5.60 -39.28 -23.05
N LEU C 178 -5.43 -38.21 -23.82
CA LEU C 178 -6.15 -38.00 -25.07
C LEU C 178 -5.48 -38.75 -26.23
N GLN C 179 -6.18 -38.76 -27.37
CA GLN C 179 -5.69 -39.34 -28.61
C GLN C 179 -5.72 -38.28 -29.72
N SER C 180 -5.24 -38.67 -30.90
CA SER C 180 -5.31 -37.80 -32.07
C SER C 180 -6.72 -37.69 -32.62
N SER C 181 -7.65 -38.52 -32.16
CA SER C 181 -9.04 -38.49 -32.59
C SER C 181 -9.91 -37.59 -31.71
N GLY C 182 -9.30 -36.84 -30.79
CA GLY C 182 -10.08 -36.02 -29.88
C GLY C 182 -10.93 -36.82 -28.91
N LEU C 183 -10.42 -37.93 -28.42
CA LEU C 183 -11.18 -38.82 -27.54
C LEU C 183 -10.21 -39.47 -26.58
N TYR C 184 -10.37 -39.22 -25.28
CA TYR C 184 -9.42 -39.72 -24.30
C TYR C 184 -9.60 -41.23 -24.12
N SER C 185 -8.66 -41.84 -23.40
CA SER C 185 -8.70 -43.27 -23.11
C SER C 185 -7.75 -43.56 -21.97
N LEU C 186 -8.24 -44.27 -20.94
CA LEU C 186 -7.42 -44.65 -19.80
C LEU C 186 -7.37 -46.17 -19.67
N SER C 187 -6.47 -46.62 -18.80
CA SER C 187 -6.33 -48.03 -18.47
C SER C 187 -6.60 -48.20 -16.97
N SER C 188 -6.32 -49.39 -16.46
CA SER C 188 -6.44 -49.71 -15.04
C SER C 188 -5.79 -51.07 -14.81
N VAL C 189 -5.21 -51.24 -13.63
CA VAL C 189 -4.55 -52.49 -13.25
C VAL C 189 -5.00 -52.89 -11.86
N VAL C 190 -5.48 -54.13 -11.72
CA VAL C 190 -5.67 -54.76 -10.43
C VAL C 190 -4.76 -55.98 -10.36
N THR C 191 -3.96 -56.05 -9.29
CA THR C 191 -2.97 -57.10 -9.10
C THR C 191 -3.36 -57.94 -7.90
N VAL C 192 -3.10 -59.24 -8.00
CA VAL C 192 -3.49 -60.18 -6.95
C VAL C 192 -2.56 -61.38 -7.01
N PRO C 193 -2.35 -62.12 -5.92
CA PRO C 193 -1.64 -63.40 -6.02
C PRO C 193 -2.25 -64.29 -7.08
N SER C 194 -1.38 -64.96 -7.85
CA SER C 194 -1.83 -65.68 -9.05
C SER C 194 -2.77 -66.83 -8.73
N SER C 195 -2.72 -67.38 -7.53
CA SER C 195 -3.57 -68.53 -7.19
C SER C 195 -5.05 -68.18 -7.32
N SER C 196 -5.44 -67.01 -6.79
CA SER C 196 -6.82 -66.56 -6.89
C SER C 196 -7.27 -66.36 -8.34
N LEU C 197 -6.36 -66.47 -9.31
CA LEU C 197 -6.77 -66.47 -10.71
C LEU C 197 -7.68 -67.65 -11.02
N GLY C 198 -7.50 -68.77 -10.32
CA GLY C 198 -8.29 -69.95 -10.61
C GLY C 198 -9.64 -70.04 -9.93
N THR C 199 -9.93 -69.16 -8.97
CA THR C 199 -11.17 -69.26 -8.20
C THR C 199 -11.92 -67.94 -8.02
N GLN C 200 -11.27 -66.79 -8.14
CA GLN C 200 -11.89 -65.51 -7.85
C GLN C 200 -12.32 -64.81 -9.13
N THR C 201 -13.53 -64.25 -9.10
CA THR C 201 -14.06 -63.50 -10.23
C THR C 201 -13.63 -62.04 -10.14
N TYR C 202 -13.24 -61.48 -11.29
CA TYR C 202 -12.75 -60.10 -11.37
C TYR C 202 -13.80 -59.27 -12.10
N ILE C 203 -14.66 -58.61 -11.32
CA ILE C 203 -15.67 -57.69 -11.85
C ILE C 203 -15.17 -56.27 -11.59
N CYS C 204 -14.75 -55.60 -12.65
CA CYS C 204 -14.17 -54.26 -12.56
C CYS C 204 -15.18 -53.20 -13.00
N ASN C 205 -15.25 -52.12 -12.24
CA ASN C 205 -16.00 -50.95 -12.63
C ASN C 205 -15.29 -50.24 -13.77
N VAL C 206 -16.05 -49.48 -14.55
CA VAL C 206 -15.49 -48.65 -15.61
C VAL C 206 -16.20 -47.31 -15.60
N ASN C 207 -15.43 -46.24 -15.76
CA ASN C 207 -15.99 -44.90 -15.80
C ASN C 207 -16.93 -44.74 -16.99
N HIS C 208 -18.10 -44.14 -16.75
CA HIS C 208 -19.05 -43.76 -17.79
C HIS C 208 -19.11 -42.25 -17.90
N LYS C 209 -19.39 -41.77 -19.12
CA LYS C 209 -18.96 -40.43 -19.51
C LYS C 209 -19.80 -39.26 -19.00
N PRO C 210 -21.15 -39.28 -19.11
CA PRO C 210 -21.91 -38.09 -18.68
C PRO C 210 -21.66 -37.70 -17.24
N SER C 211 -22.00 -38.59 -16.30
CA SER C 211 -21.85 -38.40 -14.86
C SER C 211 -22.64 -39.47 -14.12
N ASN C 212 -23.88 -39.71 -14.56
CA ASN C 212 -24.81 -40.63 -13.91
C ASN C 212 -25.13 -41.77 -14.88
N THR C 213 -24.26 -42.77 -14.91
CA THR C 213 -24.33 -43.97 -15.74
C THR C 213 -23.07 -44.79 -15.43
N LYS C 214 -23.08 -46.06 -15.88
CA LYS C 214 -22.06 -47.00 -15.41
C LYS C 214 -21.84 -48.10 -16.44
N VAL C 215 -20.64 -48.68 -16.40
CA VAL C 215 -20.33 -49.94 -17.06
C VAL C 215 -19.58 -50.83 -16.07
N ASP C 216 -19.93 -52.12 -16.06
CA ASP C 216 -19.21 -53.12 -15.30
C ASP C 216 -18.73 -54.21 -16.26
N LYS C 217 -17.59 -54.81 -15.95
CA LYS C 217 -17.05 -55.86 -16.82
C LYS C 217 -16.43 -56.98 -16.01
N ARG C 218 -16.86 -58.21 -16.27
CA ARG C 218 -16.25 -59.39 -15.69
C ARG C 218 -15.15 -59.90 -16.62
N VAL C 219 -14.01 -60.27 -16.04
CA VAL C 219 -12.88 -60.78 -16.80
C VAL C 219 -12.79 -62.28 -16.57
N GLU C 220 -13.03 -63.05 -17.63
CA GLU C 220 -12.87 -64.50 -17.60
C GLU C 220 -11.93 -64.90 -18.72
N PRO C 221 -10.80 -65.55 -18.44
CA PRO C 221 -9.78 -65.93 -19.43
C PRO C 221 -10.34 -66.75 -20.59
N PHE D 1 5.23 39.40 20.40
CA PHE D 1 5.27 38.08 19.76
C PHE D 1 6.70 37.70 19.44
N LEU D 2 7.09 36.52 19.88
CA LEU D 2 8.47 36.09 19.79
C LEU D 2 8.78 35.38 18.47
N GLY D 3 8.00 35.65 17.42
CA GLY D 3 8.17 34.98 16.13
C GLY D 3 9.47 35.32 15.41
N PHE D 4 10.09 36.46 15.74
CA PHE D 4 11.35 36.82 15.09
C PHE D 4 12.51 35.95 15.57
N LEU D 5 12.35 35.24 16.68
CA LEU D 5 13.37 34.32 17.18
C LEU D 5 13.28 32.94 16.54
N LEU D 6 12.28 32.70 15.70
CA LEU D 6 12.14 31.41 15.06
C LEU D 6 13.19 31.23 13.95
N GLY D 7 13.47 29.97 13.63
CA GLY D 7 14.41 29.65 12.58
C GLY D 7 13.77 29.75 11.20
N VAL D 8 14.54 29.34 10.20
CA VAL D 8 14.08 29.36 8.81
C VAL D 8 14.32 27.96 8.24
N GLY D 9 13.24 27.25 7.93
CA GLY D 9 13.31 25.95 7.32
C GLY D 9 12.96 25.98 5.84
N SER D 10 12.95 24.80 5.25
CA SER D 10 12.56 24.63 3.85
C SER D 10 11.44 23.60 3.81
N ALA D 11 10.20 24.08 3.57
CA ALA D 11 9.02 23.26 3.80
C ALA D 11 9.00 22.02 2.91
N ILE D 12 9.30 22.18 1.62
CA ILE D 12 9.12 21.09 0.67
C ILE D 12 10.48 20.52 0.25
N ALA D 13 11.48 20.68 1.11
CA ALA D 13 12.81 20.16 0.78
C ALA D 13 12.78 18.64 0.58
N SER D 14 12.08 17.91 1.46
CA SER D 14 11.99 16.46 1.31
C SER D 14 11.22 16.08 0.04
N GLY D 15 10.11 16.76 -0.23
CA GLY D 15 9.37 16.47 -1.44
C GLY D 15 10.13 16.77 -2.71
N VAL D 16 10.87 17.88 -2.72
CA VAL D 16 11.66 18.24 -3.90
C VAL D 16 12.77 17.22 -4.12
N ALA D 17 13.31 16.66 -3.03
CA ALA D 17 14.31 15.61 -3.15
C ALA D 17 13.71 14.38 -3.83
N VAL D 18 12.47 14.03 -3.49
CA VAL D 18 11.83 12.89 -4.13
C VAL D 18 11.54 13.17 -5.61
N CYS D 19 11.17 14.42 -5.92
CA CYS D 19 11.00 14.81 -7.32
C CYS D 19 12.29 14.62 -8.11
N LYS D 20 13.41 15.07 -7.53
CA LYS D 20 14.69 14.94 -8.22
C LYS D 20 15.06 13.48 -8.42
N VAL D 21 14.80 12.65 -7.42
CA VAL D 21 15.05 11.21 -7.54
C VAL D 21 14.21 10.62 -8.66
N LEU D 22 12.98 11.10 -8.80
CA LEU D 22 12.06 10.57 -9.81
C LEU D 22 12.53 10.86 -11.23
N HIS D 23 13.41 11.83 -11.42
CA HIS D 23 13.91 12.17 -12.74
C HIS D 23 15.05 11.28 -13.19
N LEU D 24 15.56 10.42 -12.33
CA LEU D 24 16.65 9.53 -12.70
C LEU D 24 16.16 8.51 -13.72
N GLU D 25 17.12 7.90 -14.43
CA GLU D 25 16.79 6.97 -15.50
C GLU D 25 16.12 5.71 -14.94
N GLY D 26 14.98 5.35 -15.51
CA GLY D 26 14.26 4.15 -15.13
C GLY D 26 13.34 4.29 -13.94
N GLU D 27 13.34 5.43 -13.26
CA GLU D 27 12.48 5.61 -12.10
C GLU D 27 11.01 5.67 -12.49
N VAL D 28 10.70 6.43 -13.55
CA VAL D 28 9.31 6.52 -13.99
C VAL D 28 8.84 5.20 -14.56
N ASN D 29 9.73 4.48 -15.27
CA ASN D 29 9.38 3.17 -15.79
C ASN D 29 9.11 2.18 -14.67
N LYS D 30 9.88 2.28 -13.58
CA LYS D 30 9.63 1.43 -12.42
C LYS D 30 8.25 1.67 -11.84
N ILE D 31 7.86 2.94 -11.70
CA ILE D 31 6.55 3.28 -11.17
C ILE D 31 5.45 2.83 -12.12
N LYS D 32 5.64 3.04 -13.43
CA LYS D 32 4.62 2.65 -14.39
C LYS D 32 4.38 1.15 -14.37
N SER D 33 5.46 0.36 -14.33
CA SER D 33 5.31 -1.09 -14.28
C SER D 33 4.69 -1.54 -12.96
N ALA D 34 5.04 -0.88 -11.86
CA ALA D 34 4.49 -1.25 -10.56
C ALA D 34 2.99 -0.99 -10.51
N LEU D 35 2.54 0.10 -11.11
CA LEU D 35 1.11 0.43 -11.16
C LEU D 35 0.45 -0.09 -12.43
N LEU D 36 0.62 -1.38 -12.71
CA LEU D 36 0.04 -2.03 -13.88
C LEU D 36 -1.25 -2.77 -13.55
N SER D 37 -1.24 -3.54 -12.47
CA SER D 37 -2.39 -4.35 -12.06
C SER D 37 -3.10 -3.78 -10.84
N THR D 38 -2.67 -2.63 -10.33
CA THR D 38 -3.26 -2.07 -9.12
C THR D 38 -3.12 -0.55 -9.17
N ASN D 39 -3.93 0.12 -8.36
CA ASN D 39 -3.85 1.56 -8.22
C ASN D 39 -2.94 2.00 -7.08
N LYS D 40 -2.38 1.07 -6.32
CA LYS D 40 -1.62 1.41 -5.12
C LYS D 40 -0.55 0.35 -4.89
N ALA D 41 0.71 0.77 -4.88
CA ALA D 41 1.83 -0.14 -4.67
C ALA D 41 2.98 0.59 -4.01
N VAL D 42 3.88 -0.18 -3.40
CA VAL D 42 5.07 0.36 -2.75
C VAL D 42 6.27 0.16 -3.67
N VAL D 43 6.99 1.25 -3.93
CA VAL D 43 8.10 1.25 -4.88
C VAL D 43 9.37 1.71 -4.15
N SER D 44 10.45 0.97 -4.35
CA SER D 44 11.76 1.33 -3.84
C SER D 44 12.52 2.08 -4.92
N LEU D 45 12.88 3.33 -4.64
CA LEU D 45 13.57 4.16 -5.61
C LEU D 45 15.06 3.83 -5.62
N SER D 46 15.81 4.48 -6.53
CA SER D 46 17.23 4.21 -6.68
C SER D 46 18.04 4.61 -5.46
N ASN D 47 17.54 5.50 -4.63
CA ASN D 47 18.24 5.96 -3.44
C ASN D 47 17.90 5.15 -2.19
N GLY D 48 17.14 4.07 -2.34
CA GLY D 48 16.84 3.18 -1.23
C GLY D 48 15.61 3.52 -0.42
N VAL D 49 14.84 4.52 -0.83
CA VAL D 49 13.65 4.94 -0.11
C VAL D 49 12.43 4.26 -0.74
N SER D 50 11.58 3.70 0.11
CA SER D 50 10.34 3.06 -0.32
C SER D 50 9.18 4.04 -0.14
N VAL D 51 8.48 4.35 -1.22
CA VAL D 51 7.42 5.34 -1.22
C VAL D 51 6.15 4.71 -1.75
N LEU D 52 5.02 5.01 -1.10
CA LEU D 52 3.73 4.58 -1.61
C LEU D 52 3.40 5.32 -2.89
N THR D 53 2.78 4.61 -3.84
CA THR D 53 2.46 5.19 -5.14
C THR D 53 1.00 4.91 -5.46
N PHE D 54 0.30 5.95 -5.91
CA PHE D 54 -1.10 5.85 -6.30
C PHE D 54 -1.27 6.20 -7.76
N LYS D 55 -2.15 5.44 -8.43
CA LYS D 55 -2.69 5.80 -9.75
C LYS D 55 -4.13 6.20 -9.51
N VAL D 56 -4.42 7.50 -9.50
CA VAL D 56 -5.75 7.98 -9.19
C VAL D 56 -6.64 8.14 -10.41
N LEU D 57 -6.07 8.20 -11.61
CA LEU D 57 -6.85 8.44 -12.81
C LEU D 57 -6.11 7.84 -13.99
N ASP D 58 -6.84 7.11 -14.84
CA ASP D 58 -6.27 6.46 -16.01
C ASP D 58 -6.97 7.03 -17.23
N LEU D 59 -6.47 8.16 -17.73
CA LEU D 59 -7.00 8.74 -18.96
C LEU D 59 -6.50 8.00 -20.18
N LYS D 60 -5.33 7.36 -20.09
CA LYS D 60 -4.83 6.56 -21.21
C LYS D 60 -5.78 5.42 -21.53
N ASN D 61 -6.22 4.68 -20.51
CA ASN D 61 -7.15 3.58 -20.72
C ASN D 61 -8.49 4.11 -21.23
N TYR D 62 -8.99 5.20 -20.67
CA TYR D 62 -10.36 5.64 -21.07
C TYR D 62 -10.36 6.22 -22.48
N ILE D 63 -9.23 6.73 -22.97
CA ILE D 63 -9.25 7.41 -24.30
C ILE D 63 -8.96 6.35 -25.36
N ASP D 64 -8.08 5.41 -25.06
CA ASP D 64 -7.67 4.39 -26.06
C ASP D 64 -8.70 3.27 -26.14
N LYS D 65 -9.17 2.78 -24.99
CA LYS D 65 -10.23 1.73 -24.99
C LYS D 65 -11.55 2.40 -25.37
N GLN D 66 -12.34 2.83 -24.39
CA GLN D 66 -13.57 3.59 -24.73
C GLN D 66 -13.10 4.83 -25.51
N LEU D 67 -13.91 5.35 -26.43
CA LEU D 67 -13.50 6.50 -27.28
C LEU D 67 -12.34 6.07 -28.18
N LEU D 68 -12.12 6.79 -29.28
CA LEU D 68 -11.00 6.49 -30.22
C LEU D 68 -11.11 5.12 -30.91
N PRO D 69 -12.27 4.45 -31.07
CA PRO D 69 -12.41 3.25 -31.89
C PRO D 69 -13.52 3.77 -32.81
N ILE D 70 -13.30 4.92 -33.46
CA ILE D 70 -14.40 5.59 -34.23
C ILE D 70 -14.34 5.31 -35.74
N LEU D 71 -13.49 4.38 -36.21
CA LEU D 71 -13.50 4.02 -37.65
C LEU D 71 -13.44 5.30 -38.48
N ASN D 72 -12.30 5.99 -38.50
CA ASN D 72 -12.22 7.28 -39.17
C ASN D 72 -12.08 7.10 -40.68
N LYS D 73 -13.07 6.46 -41.29
CA LYS D 73 -13.19 6.40 -42.75
C LYS D 73 -13.88 7.69 -43.20
N GLN D 74 -13.15 8.80 -43.03
CA GLN D 74 -13.60 10.16 -43.29
C GLN D 74 -14.71 10.59 -42.33
N SER D 75 -15.21 9.66 -41.51
CA SER D 75 -16.33 9.95 -40.62
C SER D 75 -15.92 10.24 -39.18
N CYS D 76 -15.27 9.27 -38.53
CA CYS D 76 -14.92 9.34 -37.11
C CYS D 76 -16.17 9.49 -36.24
N SER D 77 -17.35 9.48 -36.87
CA SER D 77 -18.60 9.86 -36.22
C SER D 77 -19.24 8.69 -35.49
N ILE D 78 -18.46 8.11 -34.58
CA ILE D 78 -18.96 7.11 -33.63
C ILE D 78 -19.00 7.78 -32.27
N SER D 79 -20.20 7.98 -31.74
CA SER D 79 -20.33 8.77 -30.52
C SER D 79 -21.67 8.50 -29.87
N ASN D 80 -21.71 8.72 -28.55
CA ASN D 80 -22.91 8.68 -27.74
C ASN D 80 -22.79 9.77 -26.70
N ILE D 81 -23.84 10.57 -26.51
CA ILE D 81 -23.74 11.71 -25.61
C ILE D 81 -23.34 11.27 -24.20
N GLU D 82 -23.56 10.00 -23.87
CA GLU D 82 -23.10 9.49 -22.58
C GLU D 82 -21.58 9.54 -22.47
N THR D 83 -20.88 9.02 -23.48
CA THR D 83 -19.42 8.99 -23.41
C THR D 83 -18.84 10.39 -23.57
N VAL D 84 -19.58 11.33 -24.15
CA VAL D 84 -19.16 12.73 -24.14
C VAL D 84 -19.17 13.28 -22.73
N ILE D 85 -20.26 13.03 -22.00
CA ILE D 85 -20.36 13.46 -20.60
C ILE D 85 -19.33 12.72 -19.75
N GLU D 86 -19.19 11.41 -19.96
CA GLU D 86 -18.24 10.62 -19.18
C GLU D 86 -16.82 11.11 -19.38
N PHE D 87 -16.45 11.44 -20.61
CA PHE D 87 -15.11 11.97 -20.86
C PHE D 87 -14.91 13.32 -20.21
N GLN D 88 -15.96 14.16 -20.20
CA GLN D 88 -15.88 15.43 -19.50
C GLN D 88 -15.66 15.23 -18.00
N GLN D 89 -16.35 14.24 -17.42
CA GLN D 89 -16.17 13.96 -16.00
C GLN D 89 -14.74 13.49 -15.70
N LYS D 90 -14.22 12.58 -16.52
CA LYS D 90 -12.86 12.08 -16.30
C LYS D 90 -11.82 13.16 -16.55
N ASN D 91 -12.00 13.95 -17.63
CA ASN D 91 -11.01 14.96 -17.99
C ASN D 91 -11.03 16.16 -17.06
N ASN D 92 -12.14 16.37 -16.35
CA ASN D 92 -12.27 17.58 -15.53
C ASN D 92 -11.25 17.59 -14.38
N ARG D 93 -10.99 16.43 -13.78
CA ARG D 93 -10.03 16.37 -12.68
C ARG D 93 -8.64 16.78 -13.15
N LEU D 94 -8.24 16.33 -14.33
CA LEU D 94 -6.96 16.76 -14.89
C LEU D 94 -6.95 18.27 -15.13
N LEU D 95 -8.06 18.81 -15.64
CA LEU D 95 -8.14 20.24 -15.88
C LEU D 95 -8.02 21.04 -14.58
N GLU D 96 -8.69 20.58 -13.52
CA GLU D 96 -8.63 21.28 -12.24
C GLU D 96 -7.24 21.21 -11.62
N ILE D 97 -6.58 20.05 -11.74
CA ILE D 97 -5.21 19.93 -11.25
C ILE D 97 -4.29 20.87 -12.02
N THR D 98 -4.45 20.93 -13.35
CA THR D 98 -3.65 21.84 -14.16
C THR D 98 -3.93 23.29 -13.79
N ARG D 99 -5.19 23.62 -13.52
CA ARG D 99 -5.54 24.99 -13.11
C ARG D 99 -4.82 25.36 -11.82
N GLU D 100 -4.89 24.49 -10.81
CA GLU D 100 -4.32 24.80 -9.51
C GLU D 100 -2.81 24.97 -9.59
N PHE D 101 -2.13 24.10 -10.32
CA PHE D 101 -0.68 24.22 -10.44
C PHE D 101 -0.28 25.43 -11.27
N SER D 102 -1.14 25.88 -12.18
CA SER D 102 -0.83 27.06 -12.99
C SER D 102 -0.79 28.32 -12.14
N VAL D 103 -1.69 28.43 -11.14
CA VAL D 103 -1.75 29.63 -10.32
C VAL D 103 -0.88 29.54 -9.07
N ASN D 104 -0.27 28.39 -8.80
CA ASN D 104 0.55 28.21 -7.61
C ASN D 104 1.98 27.76 -7.94
N ALA D 105 2.39 27.87 -9.20
CA ALA D 105 3.77 27.59 -9.62
C ALA D 105 4.20 26.17 -9.22
N GLY D 106 3.29 25.21 -9.35
CA GLY D 106 3.63 23.82 -9.14
C GLY D 106 3.67 23.33 -7.71
N VAL D 107 3.40 24.20 -6.73
CA VAL D 107 3.35 23.81 -5.33
C VAL D 107 2.07 24.37 -4.72
N THR D 108 1.26 23.49 -4.13
CA THR D 108 -0.02 23.89 -3.56
C THR D 108 -0.12 23.43 -2.11
N THR D 109 -0.86 24.20 -1.32
CA THR D 109 -1.15 23.89 0.07
C THR D 109 -2.33 24.74 0.52
N PRO D 110 -3.38 24.15 1.10
CA PRO D 110 -3.57 22.72 1.41
C PRO D 110 -3.78 21.86 0.17
N VAL D 111 -3.58 20.55 0.32
CA VAL D 111 -3.83 19.63 -0.79
C VAL D 111 -5.34 19.56 -1.02
N SER D 112 -5.77 19.99 -2.22
CA SER D 112 -7.19 20.04 -2.53
C SER D 112 -7.74 18.63 -2.74
N THR D 113 -9.07 18.56 -2.81
CA THR D 113 -9.72 17.28 -3.06
C THR D 113 -9.47 16.80 -4.49
N TYR D 114 -9.26 17.72 -5.43
CA TYR D 114 -8.86 17.32 -6.78
C TYR D 114 -7.49 16.66 -6.78
N MET D 115 -6.57 17.20 -5.97
CA MET D 115 -5.24 16.62 -5.88
C MET D 115 -5.27 15.26 -5.18
N LEU D 116 -6.11 15.12 -4.16
CA LEU D 116 -6.23 13.85 -3.44
C LEU D 116 -7.61 13.82 -2.80
N THR D 117 -8.47 12.91 -3.25
CA THR D 117 -9.80 12.80 -2.69
C THR D 117 -9.72 12.21 -1.28
N ASN D 118 -10.85 12.29 -0.57
CA ASN D 118 -10.88 11.79 0.81
C ASN D 118 -10.61 10.30 0.86
N SER D 119 -11.21 9.53 -0.05
CA SER D 119 -11.00 8.08 -0.05
C SER D 119 -9.55 7.74 -0.35
N GLU D 120 -8.94 8.44 -1.31
CA GLU D 120 -7.54 8.18 -1.62
C GLU D 120 -6.65 8.56 -0.44
N LEU D 121 -6.92 9.71 0.19
CA LEU D 121 -6.10 10.14 1.33
C LEU D 121 -6.26 9.18 2.50
N LEU D 122 -7.49 8.72 2.77
CA LEU D 122 -7.69 7.76 3.86
C LEU D 122 -6.98 6.45 3.56
N SER D 123 -7.04 5.98 2.31
CA SER D 123 -6.31 4.78 1.92
C SER D 123 -4.81 4.99 2.07
N LEU D 124 -4.32 6.16 1.67
CA LEU D 124 -2.91 6.49 1.84
C LEU D 124 -2.51 6.44 3.31
N ILE D 125 -3.35 7.01 4.18
CA ILE D 125 -3.07 7.00 5.61
C ILE D 125 -3.04 5.56 6.13
N ASN D 126 -3.96 4.72 5.64
CA ASN D 126 -4.05 3.35 6.15
C ASN D 126 -2.78 2.57 5.86
N ASP D 127 -2.14 2.83 4.72
CA ASP D 127 -0.97 2.07 4.32
C ASP D 127 0.36 2.76 4.66
N MET D 128 0.31 3.91 5.32
CA MET D 128 1.55 4.57 5.74
C MET D 128 2.22 3.78 6.86
N PRO D 129 3.55 3.76 6.89
CA PRO D 129 4.25 2.99 7.94
C PRO D 129 4.29 3.73 9.27
N ILE D 130 3.13 3.83 9.92
CA ILE D 130 2.99 4.57 11.17
C ILE D 130 2.19 3.74 12.15
N THR D 131 2.15 4.22 13.39
CA THR D 131 1.42 3.53 14.44
C THR D 131 -0.09 3.60 14.19
N ASN D 132 -0.82 2.61 14.71
CA ASN D 132 -2.28 2.65 14.62
C ASN D 132 -2.84 3.87 15.34
N ASP D 133 -2.16 4.35 16.38
CA ASP D 133 -2.55 5.60 17.01
C ASP D 133 -2.44 6.76 16.04
N GLN D 134 -1.36 6.81 15.27
CA GLN D 134 -1.18 7.90 14.30
C GLN D 134 -2.15 7.76 13.14
N LYS D 135 -2.42 6.53 12.70
CA LYS D 135 -3.41 6.32 11.65
C LYS D 135 -4.79 6.78 12.11
N LYS D 136 -5.16 6.46 13.36
CA LYS D 136 -6.45 6.89 13.88
C LYS D 136 -6.53 8.41 13.97
N LEU D 137 -5.44 9.05 14.40
CA LEU D 137 -5.44 10.50 14.55
C LEU D 137 -5.57 11.19 13.19
N MET D 138 -4.82 10.73 12.19
CA MET D 138 -4.88 11.37 10.87
C MET D 138 -6.24 11.16 10.22
N SER D 139 -6.81 9.96 10.37
CA SER D 139 -8.11 9.67 9.78
C SER D 139 -9.22 10.52 10.39
N ASN D 140 -9.16 10.74 11.70
CA ASN D 140 -10.20 11.52 12.38
C ASN D 140 -10.08 13.01 12.09
N ASN D 141 -8.94 13.48 11.61
CA ASN D 141 -8.66 14.89 11.40
C ASN D 141 -8.12 15.13 9.99
N VAL D 142 -8.82 14.57 9.00
CA VAL D 142 -8.38 14.65 7.60
C VAL D 142 -8.25 16.11 7.16
N GLN D 143 -9.18 16.97 7.60
CA GLN D 143 -9.13 18.37 7.18
C GLN D 143 -7.87 19.06 7.68
N ILE D 144 -7.43 18.74 8.90
CA ILE D 144 -6.17 19.29 9.39
C ILE D 144 -4.99 18.70 8.63
N VAL D 145 -5.05 17.40 8.31
CA VAL D 145 -3.99 16.76 7.54
C VAL D 145 -3.82 17.45 6.19
N ARG D 146 -4.94 17.78 5.53
CA ARG D 146 -4.85 18.50 4.26
C ARG D 146 -4.18 19.85 4.45
N GLN D 147 -4.54 20.56 5.52
CA GLN D 147 -4.00 21.90 5.75
C GLN D 147 -2.49 21.87 5.99
N GLN D 148 -1.97 20.77 6.53
CA GLN D 148 -0.54 20.65 6.82
C GLN D 148 0.18 19.80 5.77
N SER D 149 -0.22 19.90 4.51
CA SER D 149 0.34 19.07 3.45
C SER D 149 0.65 19.93 2.24
N TYR D 150 1.64 19.50 1.46
CA TYR D 150 2.02 20.15 0.23
C TYR D 150 1.85 19.18 -0.94
N SER D 151 1.55 19.73 -2.11
CA SER D 151 1.48 18.97 -3.34
C SER D 151 2.48 19.57 -4.31
N ILE D 152 3.54 18.82 -4.63
CA ILE D 152 4.62 19.30 -5.50
C ILE D 152 4.55 18.51 -6.80
N MET D 153 4.52 19.22 -7.91
CA MET D 153 4.45 18.59 -9.23
C MET D 153 5.86 18.19 -9.67
N CYS D 154 6.06 16.90 -9.95
CA CYS D 154 7.40 16.40 -10.27
C CYS D 154 7.69 16.35 -11.76
N ILE D 155 6.94 15.54 -12.51
CA ILE D 155 7.36 15.14 -13.84
C ILE D 155 6.15 14.76 -14.66
N ILE D 156 6.24 14.96 -15.98
CA ILE D 156 5.25 14.43 -16.91
C ILE D 156 5.99 13.83 -18.10
N LYS D 157 6.15 12.51 -18.09
CA LYS D 157 6.87 11.84 -19.16
C LYS D 157 6.46 10.37 -19.20
N GLU D 158 6.73 9.75 -20.35
CA GLU D 158 6.45 8.33 -20.56
C GLU D 158 4.98 8.00 -20.29
N GLU D 159 4.09 8.88 -20.75
CA GLU D 159 2.65 8.74 -20.56
C GLU D 159 2.27 8.68 -19.07
N VAL D 160 3.06 9.35 -18.23
CA VAL D 160 2.83 9.37 -16.79
C VAL D 160 2.92 10.82 -16.32
N LEU D 161 1.89 11.27 -15.59
CA LEU D 161 1.91 12.55 -14.91
C LEU D 161 2.02 12.27 -13.41
N ALA D 162 3.11 12.71 -12.79
CA ALA D 162 3.41 12.38 -11.41
C ALA D 162 3.63 13.64 -10.58
N TYR D 163 2.98 13.70 -9.43
CA TYR D 163 3.26 14.73 -8.44
C TYR D 163 3.34 14.07 -7.07
N VAL D 164 4.20 14.60 -6.21
CA VAL D 164 4.36 14.08 -4.85
C VAL D 164 3.45 14.84 -3.91
N VAL D 165 2.75 14.11 -3.05
CA VAL D 165 1.99 14.68 -1.96
C VAL D 165 2.79 14.44 -0.68
N GLN D 166 3.17 15.53 -0.03
CA GLN D 166 4.03 15.50 1.15
C GLN D 166 3.13 15.64 2.38
N LEU D 167 2.89 14.47 3.10
CA LEU D 167 1.99 14.35 4.23
C LEU D 167 2.73 14.54 5.56
N PRO D 168 2.04 15.05 6.58
CA PRO D 168 2.67 15.22 7.89
C PRO D 168 2.83 13.92 8.65
N LEU D 169 3.86 13.87 9.48
CA LEU D 169 4.08 12.79 10.44
C LEU D 169 3.99 13.36 11.84
N TYR D 170 2.99 12.92 12.60
CA TYR D 170 2.78 13.39 13.97
C TYR D 170 3.51 12.46 14.92
N GLY D 171 4.79 12.74 15.14
CA GLY D 171 5.61 11.91 16.02
C GLY D 171 5.42 12.18 17.50
N VAL D 172 4.83 13.32 17.86
CA VAL D 172 4.51 13.64 19.24
C VAL D 172 3.00 13.74 19.34
N ILE D 173 2.41 12.88 20.17
CA ILE D 173 0.96 12.74 20.27
C ILE D 173 0.58 12.60 21.74
N ASP D 174 -0.54 13.25 22.12
CA ASP D 174 -1.16 13.11 23.43
C ASP D 174 -0.30 13.62 24.58
N THR D 175 0.69 14.46 24.30
CA THR D 175 1.36 15.11 25.41
C THR D 175 0.56 16.34 25.83
N PRO D 176 0.62 16.73 27.10
CA PRO D 176 -0.16 17.88 27.56
C PRO D 176 0.31 19.18 26.91
N CYS D 177 -0.65 20.04 26.59
CA CYS D 177 -0.39 21.35 26.01
C CYS D 177 -1.19 22.41 26.75
N TRP D 178 -0.67 23.63 26.75
CA TRP D 178 -1.36 24.75 27.36
C TRP D 178 -1.08 26.00 26.55
N LYS D 179 -2.02 26.95 26.62
CA LYS D 179 -1.94 28.20 25.89
C LYS D 179 -1.79 29.35 26.87
N LEU D 180 -0.88 30.28 26.57
CA LEU D 180 -0.62 31.43 27.41
C LEU D 180 -1.13 32.68 26.71
N HIS D 181 -2.05 33.40 27.35
CA HIS D 181 -2.54 34.69 26.87
C HIS D 181 -1.97 35.79 27.75
N THR D 182 -1.51 36.87 27.12
CA THR D 182 -0.93 37.99 27.83
C THR D 182 -1.58 39.29 27.37
N SER D 183 -1.71 40.23 28.30
CA SER D 183 -2.28 41.54 28.04
C SER D 183 -1.40 42.57 28.72
N PRO D 184 -1.36 43.81 28.22
CA PRO D 184 -0.51 44.83 28.84
C PRO D 184 -0.95 45.14 30.26
N LEU D 185 0.03 45.43 31.11
CA LEU D 185 -0.20 45.71 32.53
C LEU D 185 0.41 47.08 32.84
N CYS D 186 -0.40 48.13 32.72
CA CYS D 186 0.03 49.49 33.01
C CYS D 186 -0.43 49.92 34.40
N THR D 187 0.06 51.09 34.82
CA THR D 187 -0.50 51.75 35.99
C THR D 187 -1.81 52.43 35.62
N THR D 188 -2.63 52.68 36.63
CA THR D 188 -4.03 53.03 36.43
C THR D 188 -4.29 54.53 36.39
N ASN D 189 -3.26 55.34 36.19
CA ASN D 189 -3.43 56.79 36.21
C ASN D 189 -4.34 57.24 35.05
N THR D 190 -5.14 58.26 35.33
CA THR D 190 -6.09 58.78 34.35
C THR D 190 -5.42 59.61 33.26
N LYS D 191 -4.31 60.28 33.58
CA LYS D 191 -3.64 61.14 32.62
C LYS D 191 -2.96 60.33 31.54
N GLU D 192 -2.71 60.97 30.41
CA GLU D 192 -2.06 60.33 29.26
C GLU D 192 -0.55 60.46 29.39
N GLY D 193 0.16 59.40 28.98
CA GLY D 193 1.60 59.41 29.01
C GLY D 193 2.22 59.45 30.39
N SER D 194 1.42 59.38 31.44
CA SER D 194 1.90 59.40 32.82
C SER D 194 1.91 58.01 33.44
N ASN D 195 2.07 56.98 32.62
CA ASN D 195 1.97 55.60 33.07
C ASN D 195 3.17 54.81 32.60
N ILE D 196 3.56 53.82 33.41
CA ILE D 196 4.56 52.84 33.04
C ILE D 196 3.84 51.50 32.83
N CYS D 197 4.22 50.79 31.78
CA CYS D 197 3.51 49.58 31.39
C CYS D 197 4.48 48.44 31.14
N LEU D 198 4.00 47.23 31.38
CA LEU D 198 4.76 46.00 31.20
C LEU D 198 3.86 44.93 30.60
N THR D 199 4.44 44.06 29.77
CA THR D 199 3.65 43.01 29.11
C THR D 199 4.50 41.77 28.93
N ARG D 200 3.95 40.61 29.29
CA ARG D 200 4.62 39.34 29.02
C ARG D 200 4.58 39.06 27.52
N THR D 201 5.74 38.72 26.95
CA THR D 201 5.88 38.54 25.51
C THR D 201 5.94 37.07 25.10
N ASP D 202 5.75 36.14 26.03
CA ASP D 202 5.88 34.72 25.75
C ASP D 202 4.54 34.04 25.45
N ARG D 203 3.56 34.80 24.99
CA ARG D 203 2.25 34.22 24.66
C ARG D 203 2.36 33.26 23.49
N GLY D 204 1.53 32.24 23.52
CA GLY D 204 1.51 31.24 22.46
C GLY D 204 1.14 29.87 23.01
N TRP D 205 1.49 28.84 22.27
CA TRP D 205 1.22 27.46 22.65
C TRP D 205 2.47 26.82 23.23
N TYR D 206 2.28 25.99 24.25
CA TYR D 206 3.36 25.23 24.87
C TYR D 206 2.95 23.77 24.93
N CYS D 207 3.89 22.88 24.59
CA CYS D 207 3.62 21.46 24.61
C CYS D 207 4.86 20.72 25.09
N ASP D 208 4.64 19.70 25.91
CA ASP D 208 5.73 18.87 26.41
C ASP D 208 6.25 17.97 25.29
N ASN D 209 7.58 17.90 25.15
CA ASN D 209 8.18 17.15 24.06
C ASN D 209 9.59 16.74 24.47
N ALA D 210 9.80 15.42 24.62
CA ALA D 210 11.12 14.85 24.86
C ALA D 210 11.83 15.48 26.06
N GLY D 211 11.09 15.71 27.14
CA GLY D 211 11.66 16.30 28.33
C GLY D 211 11.85 17.80 28.26
N SER D 212 11.47 18.43 27.15
CA SER D 212 11.55 19.88 26.96
C SER D 212 10.14 20.40 26.71
N VAL D 213 10.05 21.68 26.36
CA VAL D 213 8.79 22.31 25.99
C VAL D 213 8.96 22.93 24.62
N SER D 214 8.14 22.49 23.66
CA SER D 214 8.08 23.11 22.35
C SER D 214 7.13 24.29 22.41
N PHE D 215 7.64 25.48 22.10
CA PHE D 215 6.91 26.71 22.26
C PHE D 215 6.62 27.31 20.89
N PHE D 216 5.34 27.57 20.63
CA PHE D 216 4.91 28.10 19.34
C PHE D 216 4.42 29.54 19.54
N PRO D 217 5.25 30.55 19.26
CA PRO D 217 4.83 31.93 19.54
C PRO D 217 3.69 32.41 18.65
N GLN D 218 3.73 32.11 17.36
CA GLN D 218 2.64 32.48 16.46
C GLN D 218 1.57 31.40 16.56
N ALA D 219 0.63 31.60 17.50
CA ALA D 219 -0.41 30.62 17.76
C ALA D 219 -1.40 30.48 16.60
N GLU D 220 -1.33 31.37 15.61
CA GLU D 220 -2.17 31.30 14.43
C GLU D 220 -1.75 30.19 13.46
N THR D 221 -0.57 29.59 13.67
CA THR D 221 -0.12 28.46 12.87
C THR D 221 -0.47 27.12 13.54
N CYS D 222 -1.18 27.17 14.67
CA CYS D 222 -1.61 25.97 15.38
C CYS D 222 -3.12 25.86 15.27
N LYS D 223 -3.59 24.68 14.85
CA LYS D 223 -5.01 24.41 14.65
C LYS D 223 -5.53 23.56 15.79
N VAL D 224 -6.65 23.97 16.37
CA VAL D 224 -7.23 23.32 17.54
C VAL D 224 -8.49 22.58 17.11
N GLN D 225 -8.54 21.29 17.40
CA GLN D 225 -9.73 20.46 17.20
C GLN D 225 -10.19 20.00 18.57
N SER D 226 -11.20 20.68 19.12
CA SER D 226 -11.71 20.41 20.47
C SER D 226 -10.59 20.54 21.51
N ASN D 227 -10.10 19.42 22.01
CA ASN D 227 -9.04 19.40 22.99
C ASN D 227 -7.66 19.11 22.39
N ARG D 228 -7.58 18.92 21.07
CA ARG D 228 -6.33 18.58 20.41
C ARG D 228 -5.73 19.81 19.75
N VAL D 229 -4.41 19.91 19.80
CA VAL D 229 -3.68 21.01 19.19
C VAL D 229 -2.74 20.44 18.14
N PHE D 230 -2.85 20.93 16.92
CA PHE D 230 -1.99 20.54 15.81
C PHE D 230 -1.02 21.67 15.54
N CYS D 231 0.28 21.38 15.65
CA CYS D 231 1.31 22.39 15.50
C CYS D 231 2.47 21.83 14.68
N ASP D 232 3.19 22.73 14.04
CA ASP D 232 4.37 22.41 13.25
C ASP D 232 5.61 22.75 14.05
N THR D 233 6.52 21.77 14.22
CA THR D 233 7.73 22.03 14.98
C THR D 233 8.69 22.96 14.27
N MET D 234 8.57 23.10 12.95
CA MET D 234 9.41 24.05 12.21
C MET D 234 9.13 25.48 12.63
N ASN D 235 7.97 25.73 13.25
CA ASN D 235 7.60 27.05 13.77
C ASN D 235 7.62 27.05 15.29
N SER D 236 8.60 26.36 15.88
CA SER D 236 8.66 26.18 17.32
C SER D 236 10.04 26.51 17.86
N LEU D 237 10.09 26.84 19.14
CA LEU D 237 11.33 26.99 19.88
C LEU D 237 11.35 25.97 21.01
N THR D 238 12.51 25.36 21.22
CA THR D 238 12.67 24.35 22.27
C THR D 238 13.18 25.03 23.53
N LEU D 239 12.45 24.85 24.63
CA LEU D 239 12.74 25.52 25.89
C LEU D 239 12.80 24.53 27.03
N PRO D 240 13.54 24.83 28.09
CA PRO D 240 13.54 23.97 29.27
C PRO D 240 12.19 23.99 29.98
N SER D 241 11.92 22.91 30.73
CA SER D 241 10.66 22.79 31.43
C SER D 241 10.43 23.92 32.42
N GLU D 242 11.50 24.57 32.88
CA GLU D 242 11.40 25.69 33.83
C GLU D 242 10.74 26.92 33.23
N VAL D 243 10.38 26.91 31.95
CA VAL D 243 9.66 28.04 31.38
C VAL D 243 8.26 28.14 31.98
N ASN D 244 7.71 27.03 32.47
CA ASN D 244 6.44 27.07 33.17
C ASN D 244 6.53 27.78 34.51
N LEU D 245 7.74 27.97 35.04
CA LEU D 245 7.90 28.70 36.31
C LEU D 245 7.46 30.15 36.17
N CYS D 246 7.49 30.72 34.96
CA CYS D 246 7.02 32.08 34.75
C CYS D 246 5.54 32.24 35.03
N ASN D 247 4.79 31.15 35.12
CA ASN D 247 3.37 31.22 35.41
C ASN D 247 3.05 31.15 36.89
N VAL D 248 3.97 30.61 37.69
CA VAL D 248 3.75 30.49 39.13
C VAL D 248 4.47 31.63 39.84
N ASP D 249 5.59 32.07 39.29
CA ASP D 249 6.37 33.16 39.89
C ASP D 249 7.20 33.79 38.79
N ILE D 250 6.82 35.01 38.38
CA ILE D 250 7.54 35.68 37.30
C ILE D 250 8.92 36.13 37.74
N PHE D 251 9.20 36.17 39.03
CA PHE D 251 10.47 36.64 39.54
C PHE D 251 11.42 35.50 39.90
N ASN D 252 11.09 34.27 39.51
CA ASN D 252 11.93 33.12 39.81
C ASN D 252 13.29 33.27 39.10
N PRO D 253 14.38 32.85 39.75
CA PRO D 253 15.71 32.98 39.12
C PRO D 253 16.07 31.82 38.20
N LYS D 254 15.30 30.73 38.22
CA LYS D 254 15.64 29.55 37.40
C LYS D 254 15.33 29.76 35.92
N TYR D 255 14.45 30.70 35.58
CA TYR D 255 14.17 31.04 34.20
C TYR D 255 13.94 32.54 34.09
N ASP D 256 14.55 33.16 33.08
CA ASP D 256 14.46 34.60 32.88
C ASP D 256 13.23 34.89 32.01
N CYS D 257 12.15 35.30 32.66
CA CYS D 257 10.88 35.52 31.97
C CYS D 257 10.98 36.70 30.99
N LYS D 258 10.27 36.58 29.88
CA LYS D 258 10.32 37.56 28.81
C LYS D 258 9.20 38.58 28.96
N ILE D 259 9.56 39.86 28.97
CA ILE D 259 8.60 40.96 29.07
C ILE D 259 9.02 42.06 28.10
N MET D 260 8.11 43.01 27.90
CA MET D 260 8.41 44.25 27.20
C MET D 260 7.83 45.41 27.99
N THR D 261 8.46 46.57 27.86
CA THR D 261 8.07 47.76 28.62
C THR D 261 7.63 48.87 27.68
N SER D 262 6.73 49.71 28.18
CA SER D 262 6.17 50.79 27.38
C SER D 262 5.59 51.84 28.30
N LYS D 263 5.35 53.02 27.75
CA LYS D 263 4.65 54.10 28.44
C LYS D 263 3.29 54.40 27.83
N THR D 264 2.86 53.62 26.84
CA THR D 264 1.57 53.84 26.19
C THR D 264 0.52 52.98 26.88
N ASP D 265 -0.42 53.63 27.55
CA ASP D 265 -1.51 52.94 28.26
C ASP D 265 -2.73 52.98 27.36
N VAL D 266 -3.02 51.86 26.70
CA VAL D 266 -4.14 51.76 25.78
C VAL D 266 -4.99 50.55 26.20
N SER D 267 -6.31 50.73 26.12
CA SER D 267 -7.24 49.69 26.56
C SER D 267 -7.48 48.67 25.45
N SER D 268 -7.53 47.40 25.84
CA SER D 268 -7.76 46.32 24.91
C SER D 268 -8.27 45.12 25.70
N SER D 269 -8.66 44.08 24.97
CA SER D 269 -9.11 42.84 25.58
C SER D 269 -8.47 41.66 24.85
N VAL D 270 -8.30 40.56 25.58
CA VAL D 270 -7.82 39.30 25.02
C VAL D 270 -8.84 38.23 25.36
N ILE D 271 -9.41 37.62 24.32
CA ILE D 271 -10.37 36.53 24.52
C ILE D 271 -9.60 35.23 24.71
N THR D 272 -9.77 34.61 25.87
CA THR D 272 -9.09 33.37 26.20
C THR D 272 -10.01 32.19 25.93
N SER D 273 -9.55 30.98 26.28
CA SER D 273 -10.32 29.78 26.03
C SER D 273 -11.64 29.78 26.80
N LEU D 274 -11.59 30.20 28.07
CA LEU D 274 -12.76 30.13 28.94
C LEU D 274 -13.13 31.47 29.55
N GLY D 275 -12.60 32.57 29.03
CA GLY D 275 -12.88 33.87 29.59
C GLY D 275 -12.30 34.98 28.77
N ALA D 276 -12.19 36.15 29.39
CA ALA D 276 -11.65 37.33 28.73
C ALA D 276 -10.81 38.13 29.70
N ILE D 277 -9.64 38.56 29.24
CA ILE D 277 -8.79 39.49 29.97
C ILE D 277 -9.11 40.89 29.48
N VAL D 278 -9.35 41.81 30.41
CA VAL D 278 -9.67 43.20 30.09
C VAL D 278 -8.59 44.08 30.68
N SER D 279 -7.91 44.85 29.83
CA SER D 279 -6.96 45.87 30.25
C SER D 279 -7.61 47.24 30.02
N CYS D 280 -8.06 47.86 31.11
CA CYS D 280 -8.75 49.14 31.06
C CYS D 280 -7.84 50.22 31.62
N TYR D 281 -7.61 51.27 30.84
CA TYR D 281 -6.72 52.35 31.25
C TYR D 281 -7.26 53.69 30.76
N GLY D 282 -6.82 54.76 31.43
CA GLY D 282 -7.28 56.09 31.06
C GLY D 282 -8.73 56.31 31.44
N LYS D 283 -9.51 56.87 30.52
CA LYS D 283 -10.93 57.09 30.70
C LYS D 283 -11.78 56.19 29.80
N THR D 284 -11.23 55.06 29.37
CA THR D 284 -11.99 54.12 28.54
C THR D 284 -13.08 53.44 29.36
N LYS D 285 -14.24 53.24 28.72
CA LYS D 285 -15.37 52.57 29.36
C LYS D 285 -15.36 51.10 28.97
N CYS D 286 -14.99 50.24 29.91
CA CYS D 286 -14.89 48.80 29.71
C CYS D 286 -15.98 48.10 30.51
N THR D 287 -16.80 47.29 29.83
CA THR D 287 -17.93 46.64 30.46
C THR D 287 -18.02 45.18 30.02
N ALA D 288 -18.62 44.37 30.87
CA ALA D 288 -18.96 42.98 30.54
C ALA D 288 -20.47 42.86 30.49
N SER D 289 -20.99 42.29 29.40
CA SER D 289 -22.41 42.34 29.12
C SER D 289 -22.94 40.92 28.93
N ASN D 290 -24.23 40.76 29.21
CA ASN D 290 -24.94 39.49 29.04
C ASN D 290 -26.05 39.69 28.03
N LYS D 291 -26.34 38.63 27.27
CA LYS D 291 -27.35 38.75 26.21
C LYS D 291 -28.77 38.85 26.75
N ASN D 292 -29.00 38.38 27.98
CA ASN D 292 -30.33 38.47 28.59
C ASN D 292 -30.43 39.51 29.69
N ARG D 293 -29.30 40.05 30.16
CA ARG D 293 -29.29 41.01 31.27
C ARG D 293 -28.68 42.36 30.92
N GLY D 294 -27.95 42.47 29.81
CA GLY D 294 -27.27 43.71 29.51
C GLY D 294 -25.93 43.81 30.23
N ILE D 295 -25.52 45.05 30.50
CA ILE D 295 -24.26 45.30 31.19
C ILE D 295 -24.38 44.81 32.63
N ILE D 296 -23.53 43.87 33.01
CA ILE D 296 -23.55 43.29 34.35
C ILE D 296 -22.27 43.56 35.14
N LYS D 297 -21.24 44.12 34.52
CA LYS D 297 -20.05 44.53 35.23
C LYS D 297 -19.42 45.71 34.50
N THR D 298 -18.92 46.68 35.25
CA THR D 298 -18.14 47.79 34.71
C THR D 298 -16.73 47.68 35.28
N PHE D 299 -15.77 47.41 34.41
CA PHE D 299 -14.40 47.23 34.86
C PHE D 299 -13.79 48.54 35.30
N SER D 300 -12.98 48.48 36.36
CA SER D 300 -12.17 49.62 36.79
C SER D 300 -10.83 49.59 36.05
N ASN D 301 -10.06 50.65 36.23
CA ASN D 301 -8.77 50.75 35.56
C ASN D 301 -7.82 49.66 36.07
N GLY D 302 -7.02 49.12 35.17
CA GLY D 302 -6.14 48.02 35.50
C GLY D 302 -6.41 46.79 34.64
N CYS D 303 -5.92 45.63 35.08
CA CYS D 303 -6.09 44.38 34.36
C CYS D 303 -7.02 43.48 35.16
N ASP D 304 -8.10 43.03 34.53
CA ASP D 304 -9.11 42.18 35.16
C ASP D 304 -9.47 41.03 34.24
N TYR D 305 -10.14 40.04 34.81
CA TYR D 305 -10.57 38.86 34.08
C TYR D 305 -12.01 38.53 34.46
N VAL D 306 -12.75 37.98 33.49
CA VAL D 306 -14.10 37.48 33.73
C VAL D 306 -14.27 36.17 32.98
N SER D 307 -14.92 35.20 33.62
CA SER D 307 -15.14 33.91 32.98
C SER D 307 -16.32 33.99 32.01
N ASN D 308 -16.42 32.97 31.17
CA ASN D 308 -17.47 32.94 30.15
C ASN D 308 -18.83 32.51 30.71
N LYS D 309 -18.88 31.97 31.93
CA LYS D 309 -20.15 31.63 32.55
C LYS D 309 -20.86 32.90 32.99
N GLY D 310 -22.04 33.14 32.42
CA GLY D 310 -22.81 34.33 32.73
C GLY D 310 -22.44 35.56 31.92
N VAL D 311 -21.39 35.50 31.11
CA VAL D 311 -20.94 36.63 30.31
C VAL D 311 -20.88 36.18 28.85
N ASP D 312 -21.51 36.95 27.96
CA ASP D 312 -21.49 36.65 26.54
C ASP D 312 -20.81 37.73 25.70
N THR D 313 -20.47 38.87 26.28
CA THR D 313 -19.96 40.00 25.52
C THR D 313 -19.11 40.87 26.43
N VAL D 314 -17.95 41.27 25.94
CA VAL D 314 -17.09 42.24 26.60
C VAL D 314 -16.86 43.39 25.64
N SER D 315 -17.11 44.61 26.10
CA SER D 315 -16.92 45.82 25.30
C SER D 315 -15.80 46.65 25.93
N VAL D 316 -14.80 47.00 25.12
CA VAL D 316 -13.69 47.83 25.54
C VAL D 316 -13.64 49.03 24.61
N GLY D 317 -14.08 50.18 25.11
CA GLY D 317 -14.17 51.35 24.24
C GLY D 317 -15.25 51.15 23.20
N ASN D 318 -14.90 51.35 21.92
CA ASN D 318 -15.82 51.14 20.83
C ASN D 318 -15.67 49.76 20.20
N THR D 319 -14.92 48.86 20.83
CA THR D 319 -14.71 47.52 20.34
C THR D 319 -15.51 46.53 21.18
N LEU D 320 -16.31 45.70 20.51
CA LEU D 320 -17.14 44.71 21.16
C LEU D 320 -16.63 43.32 20.83
N TYR D 321 -16.38 42.51 21.86
CA TYR D 321 -15.85 41.16 21.72
C TYR D 321 -16.87 40.13 22.18
N TYR D 322 -17.04 39.08 21.39
CA TYR D 322 -17.78 37.92 21.83
C TYR D 322 -16.82 36.93 22.48
N VAL D 323 -17.16 36.47 23.69
CA VAL D 323 -16.34 35.49 24.37
C VAL D 323 -16.72 34.08 23.91
N ASN D 324 -15.74 33.18 23.95
CA ASN D 324 -15.99 31.80 23.61
C ASN D 324 -16.88 31.14 24.66
N LYS D 325 -17.84 30.33 24.20
CA LYS D 325 -18.76 29.66 25.11
C LYS D 325 -18.35 28.24 25.45
N GLN D 326 -17.08 27.90 25.26
CA GLN D 326 -16.59 26.55 25.55
C GLN D 326 -16.81 26.22 27.03
N GLU D 327 -17.14 24.96 27.30
CA GLU D 327 -17.36 24.51 28.67
C GLU D 327 -16.03 24.22 29.35
N GLY D 328 -15.92 24.66 30.60
CA GLY D 328 -14.71 24.43 31.38
C GLY D 328 -14.74 25.26 32.64
N LYS D 329 -13.76 25.00 33.50
CA LYS D 329 -13.66 25.65 34.80
C LYS D 329 -12.56 26.70 34.77
N SER D 330 -12.86 27.88 35.31
CA SER D 330 -11.92 28.99 35.36
C SER D 330 -11.57 29.30 36.81
N LEU D 331 -10.35 29.80 37.02
CA LEU D 331 -9.86 30.11 38.36
C LEU D 331 -9.15 31.45 38.37
N TYR D 332 -9.57 32.34 39.26
CA TYR D 332 -8.93 33.64 39.44
C TYR D 332 -7.88 33.54 40.54
N VAL D 333 -6.64 33.89 40.22
CA VAL D 333 -5.52 33.80 41.15
C VAL D 333 -5.13 35.22 41.55
N LYS D 334 -5.50 35.61 42.77
CA LYS D 334 -5.30 36.99 43.22
C LYS D 334 -3.82 37.29 43.45
N GLY D 335 -3.44 38.52 43.17
CA GLY D 335 -2.08 38.97 43.40
C GLY D 335 -1.94 40.44 43.06
N GLU D 336 -0.93 41.05 43.67
CA GLU D 336 -0.65 42.46 43.41
C GLU D 336 0.01 42.62 42.05
N PRO D 337 -0.45 43.54 41.21
CA PRO D 337 0.20 43.78 39.91
C PRO D 337 1.67 44.13 40.10
N ILE D 338 2.53 43.44 39.35
CA ILE D 338 3.97 43.62 39.52
C ILE D 338 4.42 45.01 39.08
N ILE D 339 3.64 45.69 38.23
CA ILE D 339 4.01 47.04 37.81
C ILE D 339 4.03 48.01 38.98
N ASN D 340 3.34 47.69 40.08
CA ASN D 340 3.36 48.54 41.27
C ASN D 340 4.74 48.60 41.90
N PHE D 341 5.55 47.55 41.73
CA PHE D 341 6.84 47.44 42.39
C PHE D 341 7.92 48.31 41.75
N TYR D 342 7.67 48.87 40.57
CA TYR D 342 8.69 49.55 39.80
C TYR D 342 8.61 51.06 40.00
N ASP D 343 9.75 51.67 40.28
CA ASP D 343 9.82 53.13 40.40
C ASP D 343 9.83 53.74 39.01
N PRO D 344 8.85 54.57 38.66
CA PRO D 344 8.80 55.12 37.30
C PRO D 344 10.00 55.99 36.93
N LEU D 345 10.68 56.59 37.91
CA LEU D 345 11.79 57.49 37.60
C LEU D 345 12.96 56.75 36.96
N VAL D 346 13.27 55.55 37.44
CA VAL D 346 14.36 54.76 36.92
C VAL D 346 13.86 53.57 36.11
N PHE D 347 12.63 53.65 35.59
CA PHE D 347 12.02 52.53 34.89
C PHE D 347 12.38 52.57 33.42
N PRO D 348 13.04 51.55 32.87
CA PRO D 348 13.32 51.52 31.43
C PRO D 348 12.05 51.28 30.62
N SER D 349 11.58 52.30 29.91
CA SER D 349 10.24 52.30 29.35
C SER D 349 10.21 52.07 27.84
N ASP D 350 11.32 51.67 27.23
CA ASP D 350 11.32 51.31 25.81
C ASP D 350 12.12 50.03 25.59
N GLU D 351 11.84 49.01 26.39
CA GLU D 351 12.49 47.71 26.26
C GLU D 351 11.57 46.83 25.42
N PHE D 352 11.86 46.75 24.11
CA PHE D 352 10.95 46.04 23.21
C PHE D 352 11.05 44.53 23.36
N ASP D 353 12.27 43.98 23.45
CA ASP D 353 12.48 42.54 23.59
C ASP D 353 13.40 42.34 24.80
N ALA D 354 12.81 42.32 26.00
CA ALA D 354 13.59 42.30 27.23
C ALA D 354 13.19 41.16 28.13
N SER D 355 13.71 41.17 29.36
CA SER D 355 13.43 40.12 30.32
C SER D 355 13.43 40.71 31.72
N ILE D 356 12.97 39.91 32.68
CA ILE D 356 12.88 40.38 34.06
C ILE D 356 14.26 40.74 34.58
N SER D 357 15.24 39.86 34.35
CA SER D 357 16.61 40.14 34.80
C SER D 357 17.20 41.33 34.07
N GLN D 358 16.97 41.44 32.77
CA GLN D 358 17.52 42.56 32.01
C GLN D 358 16.98 43.89 32.49
N VAL D 359 15.67 43.95 32.78
CA VAL D 359 15.08 45.17 33.32
C VAL D 359 15.64 45.48 34.70
N ASN D 360 15.80 44.44 35.53
CA ASN D 360 16.37 44.64 36.86
C ASN D 360 17.81 45.13 36.76
N GLU D 361 18.58 44.60 35.80
CA GLU D 361 19.95 45.06 35.62
C GLU D 361 20.00 46.54 35.23
N LYS D 362 19.12 46.96 34.32
CA LYS D 362 19.11 48.36 33.90
C LYS D 362 18.72 49.28 35.06
N ILE D 363 17.76 48.85 35.88
CA ILE D 363 17.39 49.62 37.07
C ILE D 363 18.57 49.70 38.03
N ASN D 364 19.29 48.57 38.20
CA ASN D 364 20.46 48.56 39.06
C ASN D 364 21.52 49.53 38.54
N GLN D 365 21.76 49.56 37.23
CA GLN D 365 22.73 50.48 36.67
C GLN D 365 22.32 51.93 36.89
N SER D 366 21.04 52.24 36.73
CA SER D 366 20.57 53.61 36.94
C SER D 366 20.70 54.02 38.41
N LEU D 367 20.38 53.11 39.33
CA LEU D 367 20.55 53.40 40.74
C LEU D 367 22.02 53.48 41.12
N ALA D 368 22.87 52.66 40.49
CA ALA D 368 24.30 52.74 40.75
C ALA D 368 24.86 54.08 40.33
N PHE D 369 24.40 54.61 39.19
CA PHE D 369 24.82 55.94 38.76
C PHE D 369 24.39 56.99 39.77
N ILE D 370 23.18 56.85 40.30
CA ILE D 370 22.67 57.81 41.29
C ILE D 370 23.51 57.74 42.57
N ARG D 371 23.79 56.53 43.05
CA ARG D 371 24.58 56.37 44.27
C ARG D 371 26.00 56.86 44.06
N LYS D 372 26.61 56.56 42.91
CA LYS D 372 27.98 57.01 42.63
C LYS D 372 28.07 58.53 42.65
N SER D 373 27.10 59.21 42.02
CA SER D 373 27.10 60.66 42.03
C SER D 373 26.90 61.22 43.43
N ASP D 374 26.03 60.58 44.22
CA ASP D 374 25.78 61.06 45.58
C ASP D 374 27.00 60.83 46.48
N GLU D 375 27.69 59.71 46.30
CA GLU D 375 28.90 59.47 47.08
C GLU D 375 29.98 60.50 46.76
N LEU D 376 30.18 60.80 45.48
CA LEU D 376 31.12 61.84 45.09
C LEU D 376 30.69 63.19 45.65
N LEU D 377 29.40 63.49 45.57
CA LEU D 377 28.88 64.77 46.07
C LEU D 377 29.05 64.88 47.58
N SER D 378 28.88 63.77 48.29
CA SER D 378 29.02 63.80 49.75
C SER D 378 30.49 63.88 50.16
N ALA D 379 31.36 63.16 49.47
CA ALA D 379 32.78 63.19 49.81
C ALA D 379 33.41 64.55 49.56
N ILE D 380 32.91 65.28 48.55
CA ILE D 380 33.44 66.62 48.25
C ILE D 380 33.17 67.57 49.41
N GLY D 381 32.03 67.41 50.08
CA GLY D 381 31.68 68.29 51.18
C GLY D 381 32.62 68.24 52.36
N GLY D 382 33.48 67.21 52.43
CA GLY D 382 34.44 67.05 53.50
C GLY D 382 35.74 67.77 53.31
N TYR D 383 35.87 68.59 52.26
CA TYR D 383 37.09 69.33 51.97
C TYR D 383 36.93 70.80 52.37
N ILE D 384 38.03 71.54 52.26
CA ILE D 384 38.07 72.91 52.78
C ILE D 384 38.17 73.91 51.63
N PRO D 385 37.51 75.08 51.75
CA PRO D 385 37.57 76.07 50.68
C PRO D 385 38.88 76.83 50.65
N GLU D 386 38.96 77.84 49.77
CA GLU D 386 40.16 78.66 49.63
C GLU D 386 40.11 79.82 50.61
N ALA D 387 41.23 80.07 51.29
CA ALA D 387 41.33 81.21 52.18
C ALA D 387 41.30 82.51 51.37
N PRO D 388 40.83 83.61 51.97
CA PRO D 388 40.71 84.86 51.21
C PRO D 388 42.04 85.29 50.60
N ARG D 389 41.97 85.78 49.37
CA ARG D 389 43.15 86.24 48.65
C ARG D 389 43.27 87.75 48.87
N ASP D 390 44.01 88.12 49.92
CA ASP D 390 44.12 89.52 50.30
C ASP D 390 45.55 89.92 50.69
N GLY D 391 46.54 89.10 50.36
CA GLY D 391 47.92 89.44 50.64
C GLY D 391 48.41 89.12 52.03
N GLN D 392 47.57 88.53 52.89
CA GLN D 392 47.96 88.17 54.24
C GLN D 392 47.70 86.69 54.47
N ALA D 393 48.58 86.05 55.25
CA ALA D 393 48.46 84.63 55.51
C ALA D 393 47.26 84.33 56.41
N TYR D 394 46.71 83.13 56.23
CA TYR D 394 45.55 82.67 57.00
C TYR D 394 45.83 81.28 57.57
N VAL D 395 45.20 81.00 58.70
CA VAL D 395 45.34 79.72 59.38
C VAL D 395 43.94 79.16 59.64
N ARG D 396 43.87 77.85 59.81
CA ARG D 396 42.61 77.14 59.97
C ARG D 396 42.36 76.89 61.45
N LYS D 397 41.43 77.64 62.04
CA LYS D 397 41.18 77.52 63.48
C LYS D 397 40.26 76.34 63.81
N ASP D 398 38.99 76.42 63.39
CA ASP D 398 38.03 75.33 63.62
C ASP D 398 37.47 74.77 62.32
N GLY D 399 36.79 75.59 61.54
CA GLY D 399 36.32 75.23 60.22
C GLY D 399 36.40 76.44 59.30
N GLU D 400 37.00 77.52 59.79
CA GLU D 400 37.09 78.78 59.07
C GLU D 400 38.53 79.28 59.08
N TRP D 401 38.80 80.30 58.28
CA TRP D 401 40.14 80.86 58.15
C TRP D 401 40.28 82.10 59.02
N VAL D 402 41.28 82.10 59.89
CA VAL D 402 41.59 83.23 60.76
C VAL D 402 43.01 83.68 60.46
N LEU D 403 43.24 84.99 60.62
CA LEU D 403 44.54 85.57 60.32
C LEU D 403 45.62 84.96 61.19
N LEU D 404 46.78 84.69 60.60
CA LEU D 404 47.92 84.21 61.37
C LEU D 404 48.39 85.26 62.38
N SER D 405 48.16 86.54 62.09
CA SER D 405 48.61 87.60 62.99
C SER D 405 47.92 87.53 64.35
N THR D 406 46.72 86.97 64.40
CA THR D 406 46.02 86.86 65.68
C THR D 406 46.77 85.97 66.67
N PHE D 407 47.50 84.98 66.16
CA PHE D 407 48.19 84.01 67.00
C PHE D 407 49.69 84.31 67.14
N LEU D 408 50.13 85.48 66.70
CA LEU D 408 51.53 85.88 66.86
C LEU D 408 51.67 87.06 67.80
#